data_9BG2
#
_entry.id   9BG2
#
_cell.length_a   66.360
_cell.length_b   85.570
_cell.length_c   127.330
_cell.angle_alpha   90.000
_cell.angle_beta   90.000
_cell.angle_gamma   90.000
#
_symmetry.space_group_name_H-M   'P 21 21 21'
#
loop_
_entity.id
_entity.type
_entity.pdbx_description
1 polymer 'GTPase KRas'
2 polymer 'Peptidyl-prolyl cis-trans isomerase A'
3 non-polymer 'PHOSPHOAMINOPHOSPHONIC ACID-GUANYLATE ESTER'
4 non-polymer 'MAGNESIUM ION'
5 non-polymer '(1S,2R)-N-[(1P,7S,9S,13S,20M)-21-ethyl-20-{2-[(1S)-1-methoxyethyl]pyridin-3-yl}-17,17-dimethyl-8,14-dioxo-15-oxa-4-thia-9,21,27,28-tetraazapentacyclo[17.5.2.1~2,5~.1~9,13~.0~22,26~]octacosa-1(24),2,5(28),19,22,25-hexaen-7-yl]-2-methylcyclopropane-1-carboxamide (non-preferred name)'
6 water water
#
loop_
_entity_poly.entity_id
_entity_poly.type
_entity_poly.pdbx_seq_one_letter_code
_entity_poly.pdbx_strand_id
1 'polypeptide(L)'
;SMTEYKLVVVGAVGVGKSALTIQLIQNHFVDEYDPTIEDSYRKQVVIDGETCLLDILDTAGQEEYSAMRDQYMRTGEGFL
CVFAINNTKSFEDIHHYREQIKRVKDSEDVPMVLVGNKCDLPSRTVDTKQAQDLARSYGIPFIETSAKTRQGVDDAFYTL
VREIRKHKEK
;
A,B
2 'polypeptide(L)'
;SMVNPTVFFDIAVDGEPLGRVSFELFADKVPKTAENFRALSTGEKGFGYKGSCFHRIIPGFMCQGGDFTRHNGTGGKSIY
GEKFEDENFILKHTGPGILSMANAGPNTNGSQFFICTAKTEWLDGKHVVFGKVKEGMNIVEAMERFGSRNGKTSKKITIA
DCGQLE
;
C,D
#
loop_
_chem_comp.id
_chem_comp.type
_chem_comp.name
_chem_comp.formula
A1AOJ non-polymer '(1S,2R)-N-[(1P,7S,9S,13S,20M)-21-ethyl-20-{2-[(1S)-1-methoxyethyl]pyridin-3-yl}-17,17-dimethyl-8,14-dioxo-15-oxa-4-thia-9,21,27,28-tetraazapentacyclo[17.5.2.1~2,5~.1~9,13~.0~22,26~]octacosa-1(24),2,5(28),19,22,25-hexaen-7-yl]-2-methylcyclopropane-1-carboxamide (non-preferred name)' 'C39 H48 N6 O5 S'
GNP non-polymer 'PHOSPHOAMINOPHOSPHONIC ACID-GUANYLATE ESTER' 'C10 H17 N6 O13 P3'
MG non-polymer 'MAGNESIUM ION' 'Mg 2'
#
# COMPACT_ATOMS: atom_id res chain seq x y z
N SER A 1 -35.16 6.25 -14.69
CA SER A 1 -34.27 7.41 -14.68
C SER A 1 -32.85 7.02 -15.16
N MET A 2 -32.11 7.99 -15.66
CA MET A 2 -30.85 7.67 -16.31
C MET A 2 -29.77 7.39 -15.27
N THR A 3 -28.79 6.59 -15.69
CA THR A 3 -27.67 6.31 -14.81
C THR A 3 -26.87 7.59 -14.54
N GLU A 4 -26.47 7.77 -13.29
CA GLU A 4 -25.63 8.89 -12.93
C GLU A 4 -24.21 8.42 -12.68
N TYR A 5 -23.25 9.22 -13.10
CA TYR A 5 -21.83 8.90 -12.96
C TYR A 5 -21.18 10.01 -12.14
N LYS A 6 -20.52 9.64 -11.02
CA LYS A 6 -19.89 10.63 -10.15
C LYS A 6 -18.43 10.79 -10.56
N LEU A 7 -18.14 11.85 -11.30
CA LEU A 7 -16.80 12.14 -11.79
C LEU A 7 -16.16 13.18 -10.89
N VAL A 8 -14.84 13.07 -10.66
CA VAL A 8 -14.07 14.02 -9.86
C VAL A 8 -12.86 14.44 -10.68
N VAL A 9 -12.63 15.74 -10.77
CA VAL A 9 -11.52 16.29 -11.55
C VAL A 9 -10.45 16.71 -10.56
N VAL A 10 -9.24 16.13 -10.67
CA VAL A 10 -8.15 16.40 -9.74
C VAL A 10 -6.88 16.79 -10.51
N GLY A 11 -5.94 17.39 -9.77
CA GLY A 11 -4.71 17.88 -10.38
C GLY A 11 -4.19 19.14 -9.72
N ALA A 12 -2.97 19.53 -10.05
CA ALA A 12 -2.30 20.65 -9.41
C ALA A 12 -2.98 21.98 -9.74
N VAL A 13 -2.63 23.01 -8.96
CA VAL A 13 -3.20 24.33 -9.18
C VAL A 13 -2.87 24.80 -10.59
N GLY A 14 -3.89 25.33 -11.28
CA GLY A 14 -3.71 25.96 -12.58
C GLY A 14 -3.59 25.04 -13.78
N VAL A 15 -3.78 23.73 -13.62
CA VAL A 15 -3.59 22.85 -14.79
C VAL A 15 -4.77 22.92 -15.76
N GLY A 16 -5.91 23.45 -15.35
CA GLY A 16 -7.07 23.58 -16.20
C GLY A 16 -8.26 22.74 -15.81
N LYS A 17 -8.36 22.33 -14.55
CA LYS A 17 -9.50 21.53 -14.12
C LYS A 17 -10.81 22.26 -14.37
N SER A 18 -10.89 23.50 -13.91
CA SER A 18 -12.13 24.26 -14.09
C SER A 18 -12.36 24.62 -15.54
N ALA A 19 -11.31 25.05 -16.26
CA ALA A 19 -11.49 25.41 -17.66
C ALA A 19 -12.03 24.22 -18.47
N LEU A 20 -11.54 23.00 -18.17
CA LEU A 20 -12.06 21.81 -18.83
C LEU A 20 -13.52 21.57 -18.47
N THR A 21 -13.86 21.72 -17.18
CA THR A 21 -15.22 21.43 -16.77
C THR A 21 -16.18 22.47 -17.32
N ILE A 22 -15.82 23.75 -17.25
CA ILE A 22 -16.68 24.79 -17.79
C ILE A 22 -16.79 24.70 -19.32
N GLN A 23 -15.76 24.20 -20.02
CA GLN A 23 -15.97 23.97 -21.45
C GLN A 23 -17.01 22.87 -21.68
N LEU A 24 -16.88 21.78 -20.93
CA LEU A 24 -17.86 20.72 -21.00
C LEU A 24 -19.28 21.25 -20.77
N ILE A 25 -19.47 22.02 -19.69
CA ILE A 25 -20.81 22.37 -19.22
C ILE A 25 -21.33 23.62 -19.94
N GLN A 26 -20.48 24.62 -20.16
CA GLN A 26 -20.95 25.91 -20.66
C GLN A 26 -20.48 26.25 -22.08
N ASN A 27 -19.58 25.44 -22.65
CA ASN A 27 -19.05 25.64 -24.02
C ASN A 27 -18.39 27.00 -24.18
N HIS A 28 -17.66 27.44 -23.15
CA HIS A 28 -16.89 28.70 -23.26
C HIS A 28 -15.57 28.63 -22.47
N PHE A 29 -14.62 29.47 -22.85
CA PHE A 29 -13.29 29.52 -22.18
C PHE A 29 -12.92 30.97 -21.89
N VAL A 30 -12.32 31.23 -20.73
CA VAL A 30 -11.81 32.58 -20.37
C VAL A 30 -10.40 32.36 -19.79
N ASP A 31 -9.47 33.26 -20.10
CA ASP A 31 -8.06 33.10 -19.63
C ASP A 31 -7.94 33.57 -18.18
N GLU A 32 -9.04 33.99 -17.57
CA GLU A 32 -8.88 34.54 -16.21
C GLU A 32 -8.75 33.38 -15.22
N TYR A 33 -8.01 33.61 -14.16
CA TYR A 33 -7.77 32.55 -13.18
C TYR A 33 -8.63 32.78 -11.95
N ASP A 34 -9.67 31.96 -11.79
CA ASP A 34 -10.52 32.00 -10.61
C ASP A 34 -10.28 30.74 -9.79
N PRO A 35 -9.45 30.79 -8.76
CA PRO A 35 -9.09 29.56 -8.02
C PRO A 35 -10.29 28.91 -7.35
N THR A 36 -10.36 27.59 -7.46
CA THR A 36 -11.52 26.87 -7.00
C THR A 36 -11.40 26.55 -5.52
N ILE A 37 -12.51 26.72 -4.79
CA ILE A 37 -12.71 26.08 -3.48
C ILE A 37 -13.27 24.67 -3.73
N GLU A 38 -14.50 24.59 -4.26
CA GLU A 38 -15.08 23.31 -4.64
C GLU A 38 -16.36 23.62 -5.41
N ASP A 39 -16.52 23.07 -6.61
CA ASP A 39 -17.73 23.34 -7.38
C ASP A 39 -18.27 22.02 -7.90
N SER A 40 -19.59 21.96 -8.00
CA SER A 40 -20.30 20.79 -8.50
C SER A 40 -21.12 21.20 -9.70
N TYR A 41 -21.19 20.31 -10.68
CA TYR A 41 -21.95 20.55 -11.91
C TYR A 41 -22.66 19.26 -12.33
N ARG A 42 -23.72 19.45 -13.10
N ARG A 42 -23.69 19.44 -13.14
CA ARG A 42 -24.51 18.37 -13.69
CA ARG A 42 -24.47 18.34 -13.67
C ARG A 42 -24.64 18.60 -15.17
C ARG A 42 -24.74 18.58 -15.15
N LYS A 43 -24.59 17.53 -15.95
CA LYS A 43 -24.80 17.63 -17.38
C LYS A 43 -25.29 16.29 -17.89
N GLN A 44 -26.36 16.33 -18.70
CA GLN A 44 -26.87 15.17 -19.40
C GLN A 44 -26.12 14.99 -20.72
N VAL A 45 -25.69 13.76 -21.03
CA VAL A 45 -24.97 13.47 -22.27
C VAL A 45 -25.44 12.12 -22.83
N VAL A 46 -25.00 11.81 -24.06
CA VAL A 46 -25.18 10.48 -24.67
C VAL A 46 -23.81 9.91 -24.99
N ILE A 47 -23.52 8.72 -24.47
CA ILE A 47 -22.23 8.09 -24.65
C ILE A 47 -22.44 6.66 -25.14
N ASP A 48 -21.94 6.36 -26.34
CA ASP A 48 -22.11 5.05 -26.97
C ASP A 48 -23.57 4.62 -26.98
N GLY A 49 -24.43 5.51 -27.48
CA GLY A 49 -25.86 5.24 -27.56
C GLY A 49 -26.66 5.44 -26.28
N GLU A 50 -26.01 5.62 -25.13
CA GLU A 50 -26.70 5.53 -23.85
C GLU A 50 -26.73 6.88 -23.16
N THR A 51 -27.94 7.36 -22.87
CA THR A 51 -28.10 8.63 -22.16
C THR A 51 -27.68 8.47 -20.71
N CYS A 52 -27.05 9.51 -20.15
CA CYS A 52 -26.62 9.43 -18.75
C CYS A 52 -26.34 10.84 -18.24
N LEU A 53 -26.24 10.91 -16.92
CA LEU A 53 -26.06 12.17 -16.21
C LEU A 53 -24.65 12.20 -15.63
N LEU A 54 -23.88 13.24 -15.96
CA LEU A 54 -22.58 13.42 -15.33
C LEU A 54 -22.73 14.34 -14.14
N ASP A 55 -22.30 13.88 -12.99
CA ASP A 55 -22.25 14.66 -11.76
C ASP A 55 -20.77 14.92 -11.53
N ILE A 56 -20.31 16.15 -11.75
CA ILE A 56 -18.88 16.44 -11.80
C ILE A 56 -18.49 17.28 -10.59
N LEU A 57 -17.47 16.81 -9.87
CA LEU A 57 -16.90 17.56 -8.77
C LEU A 57 -15.58 18.17 -9.22
N ASP A 58 -15.51 19.49 -9.23
CA ASP A 58 -14.33 20.24 -9.62
C ASP A 58 -13.59 20.65 -8.33
N THR A 59 -12.42 20.07 -8.09
CA THR A 59 -11.74 20.24 -6.81
C THR A 59 -10.66 21.31 -6.86
N ALA A 60 -10.16 21.67 -5.68
CA ALA A 60 -9.06 22.62 -5.55
C ALA A 60 -7.71 21.93 -5.67
N GLY A 61 -6.82 22.57 -6.41
CA GLY A 61 -5.46 22.08 -6.53
C GLY A 61 -4.55 22.38 -5.35
N GLN A 62 -4.99 23.24 -4.42
CA GLN A 62 -4.09 23.78 -3.38
C GLN A 62 -3.43 22.67 -2.60
N GLU A 63 -2.10 22.61 -2.65
CA GLU A 63 -1.40 21.55 -1.91
C GLU A 63 -1.58 21.71 -0.41
N GLU A 64 -1.84 22.92 0.08
CA GLU A 64 -1.94 23.06 1.54
C GLU A 64 -3.16 22.36 2.12
N TYR A 65 -4.15 21.99 1.29
CA TYR A 65 -5.33 21.23 1.75
C TYR A 65 -5.30 19.80 1.25
N SER A 66 -4.11 19.26 0.99
CA SER A 66 -3.96 17.90 0.49
C SER A 66 -4.47 16.87 1.47
N ALA A 67 -4.63 17.23 2.74
CA ALA A 67 -5.15 16.31 3.75
C ALA A 67 -6.67 16.26 3.82
N MET A 68 -7.39 17.03 2.99
CA MET A 68 -8.85 17.08 3.00
C MET A 68 -9.48 16.47 1.75
N ARG A 69 -8.75 15.62 1.03
CA ARG A 69 -9.27 15.01 -0.18
C ARG A 69 -9.96 13.67 0.04
N ASP A 70 -9.81 13.06 1.22
CA ASP A 70 -10.19 11.66 1.36
C ASP A 70 -11.68 11.45 1.12
N GLN A 71 -12.54 12.33 1.66
CA GLN A 71 -13.97 12.06 1.54
C GLN A 71 -14.42 12.15 0.10
N TYR A 72 -13.95 13.13 -0.65
CA TYR A 72 -14.46 13.19 -2.01
C TYR A 72 -13.87 12.07 -2.86
N MET A 73 -12.68 11.58 -2.48
CA MET A 73 -12.14 10.40 -3.16
C MET A 73 -12.94 9.13 -2.85
N ARG A 74 -13.32 8.90 -1.59
CA ARG A 74 -14.23 7.79 -1.28
C ARG A 74 -15.51 7.89 -2.10
N THR A 75 -16.11 9.08 -2.18
CA THR A 75 -17.42 9.21 -2.82
C THR A 75 -17.33 9.11 -4.34
N GLY A 76 -16.24 9.57 -4.95
CA GLY A 76 -16.17 9.64 -6.40
C GLY A 76 -16.07 8.26 -7.04
N GLU A 77 -16.71 8.11 -8.22
CA GLU A 77 -16.62 6.85 -8.95
C GLU A 77 -15.51 6.81 -9.98
N GLY A 78 -15.15 7.95 -10.57
CA GLY A 78 -14.06 7.97 -11.53
C GLY A 78 -13.35 9.30 -11.44
N PHE A 79 -12.08 9.31 -11.83
CA PHE A 79 -11.24 10.47 -11.62
C PHE A 79 -10.58 10.92 -12.92
N LEU A 80 -10.69 12.21 -13.21
CA LEU A 80 -9.95 12.81 -14.32
C LEU A 80 -8.70 13.38 -13.68
N CYS A 81 -7.56 12.81 -14.01
CA CYS A 81 -6.28 13.22 -13.41
C CYS A 81 -5.56 14.13 -14.39
N VAL A 82 -5.56 15.43 -14.10
CA VAL A 82 -5.15 16.46 -15.06
C VAL A 82 -3.77 16.99 -14.73
N PHE A 83 -2.92 17.10 -15.73
CA PHE A 83 -1.70 17.89 -15.63
C PHE A 83 -1.64 18.80 -16.86
N ALA A 84 -0.75 19.78 -16.84
CA ALA A 84 -0.59 20.70 -17.97
C ALA A 84 0.68 20.36 -18.73
N ILE A 85 0.59 20.25 -20.06
CA ILE A 85 1.74 19.76 -20.83
C ILE A 85 2.91 20.73 -20.84
N ASN A 86 2.73 21.96 -20.36
CA ASN A 86 3.82 22.93 -20.23
C ASN A 86 4.26 23.12 -18.77
N ASN A 87 4.03 22.13 -17.89
CA ASN A 87 4.30 22.24 -16.46
C ASN A 87 4.73 20.85 -15.96
N THR A 88 6.06 20.61 -16.02
N THR A 88 6.06 20.62 -16.00
CA THR A 88 6.62 19.33 -15.58
CA THR A 88 6.62 19.33 -15.58
C THR A 88 6.28 19.01 -14.14
C THR A 88 6.27 19.01 -14.14
N LYS A 89 6.20 20.03 -13.28
CA LYS A 89 5.84 19.78 -11.89
C LYS A 89 4.43 19.23 -11.77
N SER A 90 3.50 19.70 -12.61
CA SER A 90 2.14 19.16 -12.52
C SER A 90 2.09 17.71 -12.93
N PHE A 91 2.98 17.31 -13.85
CA PHE A 91 3.09 15.91 -14.24
C PHE A 91 3.64 15.06 -13.09
N GLU A 92 4.66 15.56 -12.39
CA GLU A 92 5.15 14.86 -11.20
C GLU A 92 4.07 14.76 -10.14
N ASP A 93 3.31 15.83 -9.94
CA ASP A 93 2.24 15.80 -8.94
C ASP A 93 1.19 14.74 -9.27
N ILE A 94 1.09 14.34 -10.54
CA ILE A 94 0.05 13.40 -10.97
C ILE A 94 0.22 12.06 -10.29
N HIS A 95 1.46 11.57 -10.19
N HIS A 95 1.46 11.56 -10.19
CA HIS A 95 1.72 10.30 -9.53
CA HIS A 95 1.67 10.27 -9.53
C HIS A 95 1.19 10.32 -8.11
C HIS A 95 1.17 10.32 -8.09
N HIS A 96 1.33 11.47 -7.44
CA HIS A 96 0.89 11.60 -6.06
C HIS A 96 -0.63 11.46 -5.95
N TYR A 97 -1.36 12.12 -6.83
CA TYR A 97 -2.81 12.01 -6.81
C TYR A 97 -3.26 10.57 -7.09
N ARG A 98 -2.61 9.89 -8.03
CA ARG A 98 -3.01 8.53 -8.34
C ARG A 98 -2.76 7.61 -7.16
N GLU A 99 -1.59 7.73 -6.52
CA GLU A 99 -1.31 6.93 -5.34
C GLU A 99 -2.28 7.26 -4.22
N GLN A 100 -2.63 8.53 -4.07
CA GLN A 100 -3.56 8.90 -3.01
C GLN A 100 -4.94 8.31 -3.25
N ILE A 101 -5.45 8.36 -4.49
CA ILE A 101 -6.77 7.78 -4.78
C ILE A 101 -6.75 6.29 -4.52
N LYS A 102 -5.72 5.60 -5.02
CA LYS A 102 -5.60 4.15 -4.83
C LYS A 102 -5.59 3.78 -3.35
N ARG A 103 -4.78 4.51 -2.58
CA ARG A 103 -4.70 4.27 -1.14
C ARG A 103 -6.06 4.49 -0.45
N VAL A 104 -6.72 5.62 -0.76
CA VAL A 104 -7.96 5.94 -0.05
C VAL A 104 -9.08 4.98 -0.41
N LYS A 105 -9.21 4.60 -1.69
CA LYS A 105 -10.23 3.65 -2.10
C LYS A 105 -9.82 2.20 -1.90
N ASP A 106 -8.56 1.96 -1.50
CA ASP A 106 -8.12 0.61 -1.16
C ASP A 106 -8.32 -0.32 -2.35
N SER A 107 -7.89 0.13 -3.53
CA SER A 107 -8.19 -0.63 -4.74
C SER A 107 -7.13 -0.31 -5.79
N GLU A 108 -6.73 -1.33 -6.53
CA GLU A 108 -5.92 -1.14 -7.73
C GLU A 108 -6.79 -0.88 -8.94
N ASP A 109 -8.11 -0.90 -8.75
CA ASP A 109 -9.00 -0.91 -9.89
C ASP A 109 -9.94 0.29 -9.85
N VAL A 110 -9.39 1.51 -9.82
CA VAL A 110 -10.18 2.73 -9.73
C VAL A 110 -10.30 3.31 -11.13
N PRO A 111 -11.50 3.54 -11.65
CA PRO A 111 -11.60 4.17 -12.99
C PRO A 111 -10.94 5.53 -12.97
N MET A 112 -9.98 5.74 -13.89
CA MET A 112 -9.43 7.06 -14.06
C MET A 112 -8.90 7.22 -15.48
N VAL A 113 -8.70 8.48 -15.83
CA VAL A 113 -8.19 8.91 -17.13
C VAL A 113 -7.12 9.94 -16.84
N LEU A 114 -5.96 9.76 -17.47
CA LEU A 114 -4.91 10.74 -17.42
C LEU A 114 -5.13 11.75 -18.53
N VAL A 115 -5.07 13.03 -18.17
CA VAL A 115 -5.38 14.13 -19.08
C VAL A 115 -4.21 15.10 -19.11
N GLY A 116 -3.67 15.32 -20.29
CA GLY A 116 -2.64 16.32 -20.52
C GLY A 116 -3.28 17.53 -21.17
N ASN A 117 -3.54 18.56 -20.38
CA ASN A 117 -4.24 19.76 -20.83
C ASN A 117 -3.26 20.82 -21.35
N LYS A 118 -3.82 21.85 -22.00
CA LYS A 118 -3.12 22.99 -22.59
C LYS A 118 -2.32 22.59 -23.83
N CYS A 119 -2.80 21.63 -24.60
N CYS A 119 -2.79 21.63 -24.62
CA CYS A 119 -2.09 21.18 -25.80
CA CYS A 119 -2.06 21.21 -25.80
C CYS A 119 -2.12 22.20 -26.93
C CYS A 119 -2.07 22.23 -26.92
N ASP A 120 -2.81 23.32 -26.76
CA ASP A 120 -2.72 24.42 -27.70
C ASP A 120 -1.44 25.24 -27.52
N LEU A 121 -0.69 25.02 -26.43
CA LEU A 121 0.42 25.92 -26.10
C LEU A 121 1.72 25.42 -26.73
N PRO A 122 2.56 26.34 -27.19
CA PRO A 122 3.86 25.94 -27.77
C PRO A 122 4.90 25.51 -26.72
N SER A 123 4.82 26.02 -25.50
CA SER A 123 5.89 25.81 -24.52
C SER A 123 5.86 24.43 -23.88
N ARG A 124 5.74 23.39 -24.70
CA ARG A 124 5.52 22.04 -24.20
C ARG A 124 6.76 21.48 -23.53
N THR A 125 6.61 20.97 -22.30
CA THR A 125 7.73 20.37 -21.58
C THR A 125 7.50 18.93 -21.19
N VAL A 126 6.31 18.38 -21.39
CA VAL A 126 6.03 16.98 -21.10
C VAL A 126 5.71 16.29 -22.42
N ASP A 127 6.52 15.28 -22.78
CA ASP A 127 6.38 14.58 -24.04
C ASP A 127 5.12 13.72 -24.05
N THR A 128 4.49 13.63 -25.22
CA THR A 128 3.40 12.68 -25.40
C THR A 128 3.80 11.28 -24.95
N LYS A 129 5.01 10.86 -25.33
CA LYS A 129 5.44 9.50 -24.99
C LYS A 129 5.61 9.34 -23.47
N GLN A 130 6.01 10.39 -22.77
CA GLN A 130 6.11 10.30 -21.32
C GLN A 130 4.76 9.98 -20.68
N ALA A 131 3.70 10.64 -21.16
CA ALA A 131 2.39 10.47 -20.53
C ALA A 131 1.78 9.14 -20.92
N GLN A 132 1.92 8.74 -22.20
CA GLN A 132 1.45 7.43 -22.64
C GLN A 132 2.10 6.32 -21.82
N ASP A 133 3.40 6.44 -21.55
CA ASP A 133 4.09 5.42 -20.77
C ASP A 133 3.57 5.38 -19.34
N LEU A 134 3.37 6.55 -18.72
CA LEU A 134 2.82 6.56 -17.37
C LEU A 134 1.41 5.97 -17.37
N ALA A 135 0.56 6.40 -18.31
CA ALA A 135 -0.78 5.84 -18.40
C ALA A 135 -0.74 4.32 -18.56
N ARG A 136 0.13 3.84 -19.46
CA ARG A 136 0.28 2.40 -19.63
C ARG A 136 0.68 1.74 -18.31
N SER A 137 1.68 2.32 -17.62
CA SER A 137 2.09 1.74 -16.33
C SER A 137 0.93 1.71 -15.34
N TYR A 138 -0.04 2.61 -15.47
CA TYR A 138 -1.20 2.63 -14.60
C TYR A 138 -2.36 1.77 -15.09
N GLY A 139 -2.34 1.36 -16.35
CA GLY A 139 -3.48 0.68 -16.94
C GLY A 139 -4.66 1.56 -17.25
N ILE A 140 -4.45 2.84 -17.55
CA ILE A 140 -5.56 3.77 -17.76
C ILE A 140 -5.35 4.49 -19.09
N PRO A 141 -6.43 5.04 -19.66
CA PRO A 141 -6.27 5.81 -20.89
C PRO A 141 -5.59 7.16 -20.62
N PHE A 142 -5.00 7.69 -21.69
CA PHE A 142 -4.40 9.03 -21.75
C PHE A 142 -5.02 9.80 -22.90
N ILE A 143 -5.47 11.02 -22.61
CA ILE A 143 -6.11 11.91 -23.59
C ILE A 143 -5.41 13.26 -23.51
N GLU A 144 -5.04 13.82 -24.67
CA GLU A 144 -4.56 15.20 -24.76
C GLU A 144 -5.73 16.16 -24.94
N THR A 145 -5.71 17.29 -24.23
CA THR A 145 -6.82 18.23 -24.33
C THR A 145 -6.36 19.66 -24.43
N SER A 146 -7.29 20.52 -24.87
CA SER A 146 -7.17 21.96 -24.71
C SER A 146 -8.55 22.49 -24.30
N ALA A 147 -8.65 23.05 -23.10
CA ALA A 147 -9.86 23.77 -22.72
C ALA A 147 -10.04 25.00 -23.59
N LYS A 148 -8.95 25.51 -24.17
CA LYS A 148 -9.03 26.74 -24.95
C LYS A 148 -9.61 26.48 -26.33
N THR A 149 -9.18 25.42 -27.01
CA THR A 149 -9.67 25.11 -28.33
C THR A 149 -10.82 24.10 -28.33
N ARG A 150 -11.09 23.45 -27.19
CA ARG A 150 -12.04 22.34 -26.98
C ARG A 150 -11.49 21.00 -27.49
N GLN A 151 -10.27 20.93 -28.02
CA GLN A 151 -9.76 19.65 -28.48
C GLN A 151 -9.79 18.64 -27.34
N GLY A 152 -10.40 17.49 -27.58
CA GLY A 152 -10.39 16.40 -26.63
C GLY A 152 -11.29 16.54 -25.41
N VAL A 153 -12.01 17.65 -25.24
CA VAL A 153 -12.69 17.88 -23.95
C VAL A 153 -13.79 16.82 -23.73
N ASP A 154 -14.75 16.73 -24.66
CA ASP A 154 -15.76 15.67 -24.52
C ASP A 154 -15.11 14.31 -24.39
N ASP A 155 -14.09 14.05 -25.21
CA ASP A 155 -13.51 12.72 -25.25
C ASP A 155 -12.93 12.33 -23.89
N ALA A 156 -12.31 13.28 -23.20
CA ALA A 156 -11.75 13.01 -21.89
C ALA A 156 -12.84 12.58 -20.91
N PHE A 157 -13.92 13.37 -20.81
CA PHE A 157 -14.99 13.01 -19.90
C PHE A 157 -15.70 11.75 -20.34
N TYR A 158 -15.94 11.59 -21.65
CA TYR A 158 -16.68 10.41 -22.10
C TYR A 158 -15.86 9.15 -21.88
N THR A 159 -14.54 9.23 -22.12
CA THR A 159 -13.68 8.07 -21.86
C THR A 159 -13.75 7.65 -20.41
N LEU A 160 -13.77 8.63 -19.49
CA LEU A 160 -13.87 8.31 -18.07
C LEU A 160 -15.16 7.57 -17.78
N VAL A 161 -16.27 7.97 -18.41
CA VAL A 161 -17.53 7.24 -18.23
C VAL A 161 -17.39 5.80 -18.73
N ARG A 162 -16.75 5.61 -19.89
CA ARG A 162 -16.52 4.25 -20.36
C ARG A 162 -15.71 3.44 -19.38
N GLU A 163 -14.71 4.06 -18.75
CA GLU A 163 -13.91 3.33 -17.76
C GLU A 163 -14.78 2.89 -16.59
N ILE A 164 -15.64 3.79 -16.09
CA ILE A 164 -16.54 3.45 -14.99
C ILE A 164 -17.48 2.34 -15.44
N ARG A 165 -17.99 2.43 -16.67
CA ARG A 165 -18.91 1.42 -17.18
C ARG A 165 -18.29 0.03 -17.17
N LYS A 166 -17.03 -0.08 -17.62
CA LYS A 166 -16.36 -1.37 -17.62
C LYS A 166 -16.14 -1.88 -16.21
N HIS A 167 -15.87 -0.99 -15.26
CA HIS A 167 -15.67 -1.37 -13.86
C HIS A 167 -16.94 -1.94 -13.25
N LYS A 168 -18.09 -1.38 -13.59
CA LYS A 168 -19.36 -1.88 -13.07
C LYS A 168 -19.87 -3.01 -13.96
N SER B 1 -21.87 -18.00 -1.91
CA SER B 1 -20.64 -18.02 -1.12
C SER B 1 -19.50 -17.33 -1.82
N MET B 2 -18.58 -16.78 -1.03
CA MET B 2 -17.46 -16.05 -1.61
C MET B 2 -16.60 -16.99 -2.43
N THR B 3 -15.94 -16.42 -3.44
CA THR B 3 -15.04 -17.17 -4.30
C THR B 3 -13.82 -17.65 -3.53
N GLU B 4 -13.45 -18.91 -3.75
CA GLU B 4 -12.24 -19.48 -3.16
C GLU B 4 -11.14 -19.55 -4.20
N TYR B 5 -9.93 -19.15 -3.81
CA TYR B 5 -8.75 -19.20 -4.67
C TYR B 5 -7.72 -20.15 -4.09
N LYS B 6 -7.36 -21.19 -4.85
CA LYS B 6 -6.35 -22.15 -4.43
C LYS B 6 -4.97 -21.69 -4.89
N LEU B 7 -4.20 -21.10 -3.97
CA LEU B 7 -2.87 -20.60 -4.27
C LEU B 7 -1.84 -21.60 -3.77
N VAL B 8 -0.76 -21.77 -4.52
CA VAL B 8 0.32 -22.71 -4.17
C VAL B 8 1.63 -21.95 -4.23
N VAL B 9 2.40 -22.01 -3.15
CA VAL B 9 3.67 -21.27 -3.08
C VAL B 9 4.78 -22.27 -3.35
N VAL B 10 5.58 -22.00 -4.39
CA VAL B 10 6.62 -22.93 -4.85
C VAL B 10 7.95 -22.20 -4.98
N GLY B 11 9.03 -22.97 -5.02
CA GLY B 11 10.37 -22.40 -5.10
C GLY B 11 11.41 -23.19 -4.32
N ALA B 12 12.69 -22.93 -4.57
CA ALA B 12 13.79 -23.69 -4.01
C ALA B 12 13.80 -23.60 -2.49
N VAL B 13 14.58 -24.50 -1.87
CA VAL B 13 14.66 -24.53 -0.40
C VAL B 13 15.19 -23.18 0.10
N GLY B 14 14.56 -22.64 1.15
CA GLY B 14 15.07 -21.46 1.82
C GLY B 14 14.85 -20.11 1.16
N VAL B 15 14.06 -20.04 0.10
CA VAL B 15 13.86 -18.73 -0.54
C VAL B 15 12.91 -17.85 0.25
N GLY B 16 12.17 -18.40 1.19
CA GLY B 16 11.21 -17.67 1.98
C GLY B 16 9.73 -17.97 1.72
N LYS B 17 9.41 -19.12 1.14
CA LYS B 17 8.00 -19.49 0.91
C LYS B 17 7.19 -19.45 2.20
N SER B 18 7.69 -20.10 3.25
CA SER B 18 7.02 -20.10 4.55
C SER B 18 6.99 -18.71 5.17
N ALA B 19 8.12 -18.01 5.20
CA ALA B 19 8.17 -16.69 5.81
C ALA B 19 7.13 -15.75 5.18
N LEU B 20 6.97 -15.80 3.88
CA LEU B 20 5.96 -14.97 3.22
C LEU B 20 4.58 -15.39 3.69
N THR B 21 4.34 -16.70 3.72
CA THR B 21 3.00 -17.20 4.09
C THR B 21 2.67 -16.89 5.54
N ILE B 22 3.64 -17.10 6.45
CA ILE B 22 3.45 -16.85 7.86
C ILE B 22 3.23 -15.36 8.11
N GLN B 23 3.92 -14.47 7.37
CA GLN B 23 3.61 -13.03 7.46
C GLN B 23 2.16 -12.77 7.09
N LEU B 24 1.70 -13.35 5.98
CA LEU B 24 0.33 -13.14 5.53
C LEU B 24 -0.67 -13.63 6.57
N ILE B 25 -0.42 -14.81 7.14
CA ILE B 25 -1.42 -15.45 7.99
C ILE B 25 -1.29 -15.02 9.43
N GLN B 26 -0.06 -14.98 9.96
CA GLN B 26 0.15 -14.81 11.39
C GLN B 26 0.82 -13.50 11.78
N ASN B 27 1.19 -12.66 10.80
CA ASN B 27 1.64 -11.28 11.05
C ASN B 27 2.94 -11.22 11.87
N HIS B 28 3.86 -12.14 11.62
CA HIS B 28 5.16 -12.06 12.26
C HIS B 28 6.19 -12.74 11.37
N PHE B 29 7.46 -12.50 11.71
CA PHE B 29 8.60 -13.09 11.03
C PHE B 29 9.58 -13.61 12.07
N VAL B 30 10.07 -14.84 11.86
CA VAL B 30 11.13 -15.40 12.74
C VAL B 30 12.26 -15.85 11.83
N ASP B 31 13.52 -15.66 12.23
CA ASP B 31 14.65 -16.01 11.35
C ASP B 31 15.00 -17.50 11.47
N GLU B 32 14.38 -18.24 12.40
CA GLU B 32 14.78 -19.65 12.56
C GLU B 32 14.45 -20.43 11.28
N TYR B 33 15.18 -21.49 11.00
CA TYR B 33 14.85 -22.33 9.83
C TYR B 33 13.97 -23.50 10.25
N ASP B 34 12.75 -23.55 9.72
CA ASP B 34 11.82 -24.67 9.98
C ASP B 34 11.42 -25.20 8.61
N PRO B 35 12.13 -26.20 8.05
CA PRO B 35 11.84 -26.64 6.69
C PRO B 35 10.47 -27.29 6.61
N THR B 36 9.80 -27.04 5.50
CA THR B 36 8.42 -27.47 5.38
C THR B 36 8.32 -28.87 4.80
N ILE B 37 7.30 -29.62 5.27
CA ILE B 37 6.87 -30.84 4.58
C ILE B 37 5.76 -30.43 3.63
N GLU B 38 4.62 -30.00 4.18
CA GLU B 38 3.53 -29.38 3.44
C GLU B 38 2.58 -28.75 4.44
N ASP B 39 2.24 -27.47 4.28
CA ASP B 39 1.27 -26.82 5.16
C ASP B 39 0.17 -26.16 4.35
N SER B 40 -1.05 -26.11 4.90
CA SER B 40 -2.17 -25.46 4.24
C SER B 40 -2.79 -24.43 5.18
N TYR B 41 -3.28 -23.34 4.62
CA TYR B 41 -3.82 -22.25 5.42
C TYR B 41 -5.04 -21.70 4.72
N ARG B 42 -6.01 -21.21 5.49
CA ARG B 42 -7.15 -20.52 4.89
C ARG B 42 -7.27 -19.12 5.46
N LYS B 43 -7.55 -18.16 4.60
CA LYS B 43 -7.69 -16.79 5.08
C LYS B 43 -8.69 -16.05 4.22
N GLN B 44 -9.61 -15.34 4.86
CA GLN B 44 -10.59 -14.52 4.16
C GLN B 44 -10.03 -13.11 4.00
N VAL B 45 -10.10 -12.55 2.79
CA VAL B 45 -9.49 -11.25 2.51
C VAL B 45 -10.43 -10.41 1.65
N VAL B 46 -10.06 -9.13 1.46
CA VAL B 46 -10.80 -8.24 0.56
C VAL B 46 -9.80 -7.66 -0.43
N ILE B 47 -10.02 -7.89 -1.72
CA ILE B 47 -9.07 -7.50 -2.77
C ILE B 47 -9.86 -6.68 -3.79
N ASP B 48 -9.47 -5.41 -3.96
CA ASP B 48 -10.19 -4.50 -4.87
C ASP B 48 -11.69 -4.49 -4.54
N GLY B 49 -12.00 -4.44 -3.26
CA GLY B 49 -13.36 -4.37 -2.77
C GLY B 49 -14.17 -5.64 -2.85
N GLU B 50 -13.60 -6.75 -3.30
CA GLU B 50 -14.36 -8.00 -3.39
C GLU B 50 -13.81 -9.00 -2.37
N THR B 51 -14.70 -9.56 -1.55
CA THR B 51 -14.33 -10.51 -0.51
C THR B 51 -14.01 -11.86 -1.14
N CYS B 52 -12.96 -12.51 -0.66
CA CYS B 52 -12.70 -13.85 -1.16
C CYS B 52 -11.91 -14.63 -0.13
N LEU B 53 -11.81 -15.93 -0.37
CA LEU B 53 -11.17 -16.89 0.53
C LEU B 53 -9.91 -17.43 -0.13
N LEU B 54 -8.76 -17.25 0.53
CA LEU B 54 -7.50 -17.79 0.04
C LEU B 54 -7.26 -19.15 0.69
N ASP B 55 -7.01 -20.16 -0.12
CA ASP B 55 -6.61 -21.49 0.30
C ASP B 55 -5.16 -21.64 -0.12
N ILE B 56 -4.22 -21.57 0.83
CA ILE B 56 -2.81 -21.45 0.46
C ILE B 56 -2.11 -22.74 0.82
N LEU B 57 -1.38 -23.30 -0.13
CA LEU B 57 -0.58 -24.49 0.09
C LEU B 57 0.88 -24.06 0.05
N ASP B 58 1.56 -24.26 1.16
CA ASP B 58 2.98 -23.89 1.32
C ASP B 58 3.76 -25.19 1.12
N THR B 59 4.53 -25.28 0.04
CA THR B 59 5.15 -26.54 -0.32
C THR B 59 6.63 -26.61 0.13
N ALA B 60 7.20 -27.80 -0.05
CA ALA B 60 8.61 -28.02 0.27
C ALA B 60 9.48 -27.75 -0.95
N GLY B 61 10.56 -27.03 -0.78
CA GLY B 61 11.41 -26.83 -1.94
C GLY B 61 12.33 -27.98 -2.29
N GLN B 62 12.35 -29.06 -1.49
CA GLN B 62 13.40 -30.07 -1.59
C GLN B 62 13.42 -30.70 -2.98
N GLU B 63 14.57 -30.60 -3.67
CA GLU B 63 14.63 -31.05 -5.06
C GLU B 63 14.51 -32.57 -5.18
N GLU B 64 14.89 -33.32 -4.15
CA GLU B 64 14.81 -34.78 -4.22
C GLU B 64 13.37 -35.28 -4.31
N TYR B 65 12.36 -34.46 -4.00
CA TYR B 65 10.97 -34.89 -4.14
C TYR B 65 10.25 -34.25 -5.32
N SER B 66 10.99 -34.01 -6.42
CA SER B 66 10.43 -33.35 -7.61
C SER B 66 9.21 -34.09 -8.17
N ALA B 67 9.23 -35.42 -8.16
CA ALA B 67 8.11 -36.17 -8.74
C ALA B 67 6.84 -36.06 -7.91
N MET B 68 6.96 -35.76 -6.62
CA MET B 68 5.79 -35.63 -5.75
C MET B 68 5.02 -34.33 -5.98
N ARG B 69 5.46 -33.46 -6.89
CA ARG B 69 4.83 -32.16 -7.04
C ARG B 69 3.61 -32.19 -7.94
N ASP B 70 3.55 -33.14 -8.87
CA ASP B 70 2.51 -33.10 -9.90
C ASP B 70 1.11 -33.01 -9.29
N GLN B 71 0.85 -33.72 -8.19
CA GLN B 71 -0.50 -33.76 -7.64
C GLN B 71 -0.97 -32.39 -7.16
N TYR B 72 -0.10 -31.64 -6.49
CA TYR B 72 -0.62 -30.35 -6.04
C TYR B 72 -0.58 -29.29 -7.15
N MET B 73 0.23 -29.49 -8.20
CA MET B 73 0.13 -28.57 -9.33
C MET B 73 -1.16 -28.80 -10.11
N ARG B 74 -1.67 -30.03 -10.15
CA ARG B 74 -2.97 -30.26 -10.81
C ARG B 74 -4.07 -29.53 -10.07
N THR B 75 -4.02 -29.55 -8.73
CA THR B 75 -5.08 -28.98 -7.92
C THR B 75 -4.98 -27.45 -7.87
N GLY B 76 -3.77 -26.90 -7.82
CA GLY B 76 -3.61 -25.45 -7.67
C GLY B 76 -4.18 -24.68 -8.85
N GLU B 77 -4.70 -23.49 -8.54
CA GLU B 77 -5.19 -22.48 -9.53
C GLU B 77 -4.18 -21.40 -9.88
N GLY B 78 -3.39 -20.92 -8.91
CA GLY B 78 -2.38 -19.92 -9.17
C GLY B 78 -1.15 -20.23 -8.35
N PHE B 79 0.01 -19.76 -8.81
CA PHE B 79 1.30 -20.17 -8.25
C PHE B 79 2.16 -18.94 -7.98
N LEU B 80 2.61 -18.80 -6.75
CA LEU B 80 3.66 -17.85 -6.37
C LEU B 80 4.99 -18.55 -6.55
N CYS B 81 5.77 -18.11 -7.52
CA CYS B 81 7.07 -18.71 -7.82
C CYS B 81 8.11 -17.81 -7.17
N VAL B 82 8.66 -18.28 -6.07
CA VAL B 82 9.52 -17.47 -5.22
C VAL B 82 10.97 -17.85 -5.44
N PHE B 83 11.82 -16.86 -5.69
CA PHE B 83 13.26 -17.03 -5.57
C PHE B 83 13.75 -16.00 -4.56
N ALA B 84 15.00 -16.15 -4.14
CA ALA B 84 15.61 -15.13 -3.30
C ALA B 84 16.60 -14.33 -4.13
N ILE B 85 16.63 -13.01 -3.90
CA ILE B 85 17.41 -12.15 -4.80
C ILE B 85 18.91 -12.21 -4.55
N ASN B 86 19.34 -12.88 -3.48
CA ASN B 86 20.75 -13.13 -3.21
C ASN B 86 21.14 -14.57 -3.51
N ASN B 87 20.31 -15.30 -4.26
CA ASN B 87 20.50 -16.73 -4.52
C ASN B 87 20.29 -16.96 -6.02
N THR B 88 21.38 -16.93 -6.79
CA THR B 88 21.27 -17.09 -8.23
C THR B 88 20.69 -18.47 -8.58
N LYS B 89 21.05 -19.50 -7.82
CA LYS B 89 20.58 -20.84 -8.12
C LYS B 89 19.07 -20.92 -8.00
N SER B 90 18.52 -20.28 -6.96
CA SER B 90 17.07 -20.30 -6.78
C SER B 90 16.37 -19.59 -7.92
N PHE B 91 17.04 -18.59 -8.52
CA PHE B 91 16.44 -17.94 -9.67
C PHE B 91 16.47 -18.86 -10.89
N GLU B 92 17.56 -19.60 -11.08
CA GLU B 92 17.63 -20.53 -12.21
C GLU B 92 16.64 -21.66 -12.03
N ASP B 93 16.34 -22.03 -10.78
CA ASP B 93 15.36 -23.08 -10.53
C ASP B 93 13.96 -22.65 -10.92
N ILE B 94 13.68 -21.34 -10.98
CA ILE B 94 12.32 -20.87 -11.29
C ILE B 94 11.83 -21.46 -12.60
N HIS B 95 12.72 -21.61 -13.59
CA HIS B 95 12.20 -22.05 -14.88
C HIS B 95 11.83 -23.54 -14.83
N HIS B 96 12.51 -24.34 -13.99
CA HIS B 96 12.07 -25.71 -13.75
C HIS B 96 10.62 -25.74 -13.27
N TYR B 97 10.29 -24.90 -12.28
CA TYR B 97 8.94 -24.88 -11.71
C TYR B 97 7.91 -24.44 -12.75
N ARG B 98 8.19 -23.36 -13.47
CA ARG B 98 7.28 -22.93 -14.52
C ARG B 98 7.05 -24.04 -15.55
N GLU B 99 8.11 -24.69 -16.01
CA GLU B 99 7.92 -25.70 -17.04
C GLU B 99 7.21 -26.92 -16.50
N GLN B 100 7.36 -27.22 -15.22
CA GLN B 100 6.65 -28.34 -14.64
C GLN B 100 5.16 -28.01 -14.52
N ILE B 101 4.84 -26.81 -14.02
CA ILE B 101 3.45 -26.35 -13.92
C ILE B 101 2.80 -26.30 -15.29
N LYS B 102 3.47 -25.65 -16.25
CA LYS B 102 2.96 -25.61 -17.62
C LYS B 102 2.67 -27.01 -18.13
N ARG B 103 3.58 -27.96 -17.85
CA ARG B 103 3.42 -29.33 -18.35
C ARG B 103 2.26 -30.04 -17.67
N VAL B 104 2.20 -29.96 -16.35
CA VAL B 104 1.19 -30.72 -15.61
C VAL B 104 -0.21 -30.19 -15.92
N LYS B 105 -0.36 -28.87 -16.03
CA LYS B 105 -1.66 -28.28 -16.24
C LYS B 105 -1.95 -28.04 -17.71
N ASP B 106 -1.04 -28.44 -18.60
CA ASP B 106 -1.25 -28.35 -20.05
C ASP B 106 -1.71 -26.95 -20.44
N SER B 107 -0.96 -25.94 -20.03
CA SER B 107 -1.37 -24.58 -20.36
C SER B 107 -0.16 -23.67 -20.35
N GLU B 108 -0.15 -22.72 -21.30
CA GLU B 108 0.85 -21.67 -21.30
C GLU B 108 0.35 -20.39 -20.63
N ASP B 109 -0.81 -20.44 -19.97
CA ASP B 109 -1.46 -19.26 -19.40
C ASP B 109 -1.82 -19.45 -17.93
N VAL B 110 -1.09 -20.31 -17.23
CA VAL B 110 -1.41 -20.60 -15.82
C VAL B 110 -1.16 -19.35 -14.98
N PRO B 111 -2.12 -18.90 -14.16
CA PRO B 111 -1.85 -17.71 -13.32
C PRO B 111 -0.63 -17.94 -12.45
N MET B 112 0.35 -17.05 -12.60
CA MET B 112 1.57 -17.07 -11.80
C MET B 112 2.01 -15.65 -11.52
N VAL B 113 2.75 -15.51 -10.42
CA VAL B 113 3.48 -14.30 -10.10
C VAL B 113 4.91 -14.71 -9.76
N LEU B 114 5.89 -14.01 -10.35
CA LEU B 114 7.28 -14.22 -9.96
C LEU B 114 7.60 -13.33 -8.76
N VAL B 115 8.13 -13.92 -7.72
CA VAL B 115 8.36 -13.22 -6.47
C VAL B 115 9.83 -13.27 -6.13
N GLY B 116 10.47 -12.09 -6.13
CA GLY B 116 11.83 -12.02 -5.66
C GLY B 116 11.85 -11.58 -4.22
N ASN B 117 12.22 -12.50 -3.33
CA ASN B 117 12.14 -12.26 -1.90
C ASN B 117 13.52 -11.92 -1.35
N LYS B 118 13.52 -11.49 -0.08
CA LYS B 118 14.70 -11.02 0.66
C LYS B 118 15.25 -9.71 0.09
N CYS B 119 14.35 -8.83 -0.39
N CYS B 119 14.37 -8.83 -0.39
CA CYS B 119 14.79 -7.55 -0.94
CA CYS B 119 14.87 -7.58 -0.96
C CYS B 119 15.36 -6.60 0.11
C CYS B 119 15.42 -6.64 0.10
N ASP B 120 15.25 -6.94 1.39
CA ASP B 120 15.94 -6.18 2.43
C ASP B 120 17.44 -6.38 2.40
N LEU B 121 17.90 -7.50 1.82
CA LEU B 121 19.29 -7.89 1.95
C LEU B 121 20.20 -7.14 0.98
N PRO B 122 21.48 -7.02 1.32
CA PRO B 122 22.42 -6.33 0.43
C PRO B 122 22.95 -7.25 -0.66
N SER B 123 23.54 -6.61 -1.66
CA SER B 123 24.38 -7.29 -2.66
C SER B 123 23.59 -8.36 -3.41
N ARG B 124 22.36 -8.01 -3.79
CA ARG B 124 21.52 -8.92 -4.56
C ARG B 124 22.25 -9.36 -5.83
N THR B 125 22.17 -10.65 -6.10
CA THR B 125 22.85 -11.24 -7.25
C THR B 125 21.92 -11.37 -8.45
N VAL B 126 20.63 -11.14 -8.27
CA VAL B 126 19.64 -11.17 -9.33
C VAL B 126 19.11 -9.75 -9.46
N ASP B 127 19.48 -9.07 -10.54
CA ASP B 127 19.01 -7.70 -10.61
C ASP B 127 17.58 -7.67 -11.13
N THR B 128 16.97 -6.49 -11.02
CA THR B 128 15.56 -6.35 -11.36
C THR B 128 15.30 -6.64 -12.84
N LYS B 129 16.25 -6.30 -13.72
CA LYS B 129 16.03 -6.53 -15.14
C LYS B 129 16.11 -8.01 -15.48
N GLN B 130 16.97 -8.76 -14.78
CA GLN B 130 16.95 -10.21 -14.89
C GLN B 130 15.55 -10.74 -14.61
N ALA B 131 15.03 -10.39 -13.43
CA ALA B 131 13.73 -10.90 -13.03
C ALA B 131 12.61 -10.34 -13.90
N GLN B 132 12.70 -9.04 -14.27
CA GLN B 132 11.65 -8.46 -15.11
C GLN B 132 11.66 -9.06 -16.51
N ASP B 133 12.86 -9.31 -17.08
CA ASP B 133 12.90 -9.95 -18.39
C ASP B 133 12.26 -11.33 -18.35
N LEU B 134 12.57 -12.11 -17.30
CA LEU B 134 11.99 -13.45 -17.18
C LEU B 134 10.47 -13.38 -17.11
N ALA B 135 9.94 -12.48 -16.29
CA ALA B 135 8.49 -12.37 -16.13
C ALA B 135 7.84 -11.97 -17.45
N ARG B 136 8.40 -10.96 -18.12
CA ARG B 136 7.97 -10.58 -19.46
C ARG B 136 7.91 -11.79 -20.38
N SER B 137 8.96 -12.62 -20.37
CA SER B 137 9.00 -13.77 -21.26
C SER B 137 7.94 -14.80 -20.92
N TYR B 138 7.46 -14.81 -19.67
CA TYR B 138 6.39 -15.67 -19.26
C TYR B 138 5.02 -15.00 -19.37
N GLY B 139 4.98 -13.67 -19.46
CA GLY B 139 3.71 -12.98 -19.47
C GLY B 139 3.04 -12.90 -18.12
N ILE B 140 3.82 -12.73 -17.05
CA ILE B 140 3.29 -12.70 -15.69
C ILE B 140 3.94 -11.54 -14.94
N PRO B 141 3.34 -11.15 -13.81
CA PRO B 141 3.91 -10.05 -13.01
C PRO B 141 5.15 -10.46 -12.24
N PHE B 142 5.92 -9.44 -11.86
CA PHE B 142 7.08 -9.61 -10.99
C PHE B 142 6.93 -8.70 -9.79
N ILE B 143 6.95 -9.30 -8.61
CA ILE B 143 6.80 -8.57 -7.34
C ILE B 143 8.03 -8.81 -6.51
N GLU B 144 8.66 -7.74 -6.06
CA GLU B 144 9.73 -7.81 -5.08
C GLU B 144 9.11 -7.82 -3.70
N THR B 145 9.68 -8.64 -2.81
CA THR B 145 9.14 -8.77 -1.47
C THR B 145 10.26 -8.87 -0.47
N SER B 146 9.93 -8.52 0.75
CA SER B 146 10.74 -8.87 1.91
C SER B 146 9.82 -9.43 2.99
N ALA B 147 9.93 -10.72 3.28
CA ALA B 147 9.17 -11.25 4.41
C ALA B 147 9.61 -10.69 5.74
N LYS B 148 10.86 -10.21 5.86
CA LYS B 148 11.35 -9.72 7.14
C LYS B 148 10.74 -8.37 7.53
N THR B 149 10.66 -7.43 6.58
CA THR B 149 10.03 -6.13 6.80
C THR B 149 8.55 -6.11 6.45
N ARG B 150 8.02 -7.22 5.91
CA ARG B 150 6.68 -7.39 5.36
C ARG B 150 6.45 -6.58 4.10
N GLN B 151 7.49 -5.96 3.53
CA GLN B 151 7.30 -5.23 2.29
C GLN B 151 6.82 -6.18 1.20
N GLY B 152 5.73 -5.81 0.55
CA GLY B 152 5.19 -6.49 -0.60
C GLY B 152 4.54 -7.83 -0.33
N VAL B 153 4.40 -8.23 0.93
CA VAL B 153 3.83 -9.57 1.22
C VAL B 153 2.38 -9.64 0.74
N ASP B 154 1.53 -8.72 1.21
CA ASP B 154 0.15 -8.68 0.70
C ASP B 154 0.13 -8.53 -0.81
N ASP B 155 0.96 -7.62 -1.32
CA ASP B 155 0.99 -7.34 -2.75
C ASP B 155 1.22 -8.61 -3.56
N ALA B 156 2.13 -9.48 -3.09
CA ALA B 156 2.46 -10.69 -3.83
C ALA B 156 1.25 -11.62 -3.93
N PHE B 157 0.61 -11.90 -2.79
CA PHE B 157 -0.56 -12.78 -2.80
C PHE B 157 -1.75 -12.14 -3.50
N TYR B 158 -1.99 -10.85 -3.24
CA TYR B 158 -3.11 -10.16 -3.88
C TYR B 158 -2.92 -10.11 -5.39
N THR B 159 -1.69 -9.86 -5.84
CA THR B 159 -1.46 -9.80 -7.28
C THR B 159 -1.73 -11.15 -7.94
N LEU B 160 -1.41 -12.25 -7.26
CA LEU B 160 -1.74 -13.55 -7.84
C LEU B 160 -3.26 -13.73 -7.94
N VAL B 161 -4.02 -13.29 -6.93
CA VAL B 161 -5.47 -13.36 -7.05
C VAL B 161 -5.97 -12.50 -8.22
N ARG B 162 -5.37 -11.33 -8.43
CA ARG B 162 -5.77 -10.52 -9.60
C ARG B 162 -5.40 -11.20 -10.90
N GLU B 163 -4.26 -11.91 -10.92
CA GLU B 163 -3.93 -12.74 -12.09
C GLU B 163 -4.98 -13.80 -12.35
N ILE B 164 -5.43 -14.48 -11.30
CA ILE B 164 -6.46 -15.51 -11.51
C ILE B 164 -7.75 -14.86 -12.00
N ARG B 165 -8.07 -13.66 -11.49
CA ARG B 165 -9.30 -13.00 -11.91
C ARG B 165 -9.21 -12.58 -13.36
N LYS B 166 -8.07 -11.99 -13.75
CA LYS B 166 -7.87 -11.60 -15.15
C LYS B 166 -7.90 -12.82 -16.07
N HIS B 167 -7.36 -13.94 -15.62
CA HIS B 167 -7.31 -15.12 -16.47
C HIS B 167 -8.70 -15.70 -16.72
N LYS B 168 -9.64 -15.50 -15.80
CA LYS B 168 -11.03 -15.93 -16.03
C LYS B 168 -11.68 -15.04 -17.10
N VAL C 3 31.72 -53.08 23.03
CA VAL C 3 30.36 -53.62 23.14
C VAL C 3 29.30 -52.54 23.06
N ASN C 4 28.33 -52.74 22.17
CA ASN C 4 27.39 -51.68 21.81
C ASN C 4 26.46 -51.32 22.97
N PRO C 5 26.34 -50.05 23.32
CA PRO C 5 25.39 -49.65 24.36
C PRO C 5 23.94 -49.83 23.90
N THR C 6 23.07 -49.99 24.90
CA THR C 6 21.61 -50.03 24.74
C THR C 6 21.00 -48.88 25.53
N VAL C 7 20.03 -48.17 24.94
CA VAL C 7 19.35 -47.09 25.66
C VAL C 7 17.84 -47.29 25.51
N PHE C 8 17.10 -46.57 26.34
CA PHE C 8 15.63 -46.73 26.33
C PHE C 8 14.93 -45.41 26.40
N PHE C 9 13.73 -45.37 25.82
CA PHE C 9 12.88 -44.18 25.93
C PHE C 9 11.55 -44.66 26.48
N ASP C 10 11.04 -44.02 27.54
CA ASP C 10 9.67 -44.32 28.05
C ASP C 10 8.77 -43.28 27.36
N ILE C 11 7.86 -43.74 26.51
CA ILE C 11 7.04 -42.82 25.70
C ILE C 11 5.70 -42.58 26.38
N ALA C 12 5.27 -41.34 26.41
CA ALA C 12 3.95 -41.01 26.95
C ALA C 12 3.08 -40.32 25.90
N VAL C 13 1.76 -40.48 26.03
CA VAL C 13 0.80 -39.86 25.14
C VAL C 13 -0.06 -38.96 26.00
N ASP C 14 0.10 -37.63 25.82
CA ASP C 14 -0.64 -36.64 26.62
C ASP C 14 -0.38 -36.88 28.10
N GLY C 15 0.84 -37.27 28.43
CA GLY C 15 1.24 -37.53 29.80
C GLY C 15 0.99 -38.93 30.31
N GLU C 16 0.22 -39.71 29.61
CA GLU C 16 -0.12 -41.08 29.96
C GLU C 16 0.92 -42.05 29.41
N PRO C 17 1.43 -42.97 30.20
CA PRO C 17 2.46 -43.89 29.70
C PRO C 17 1.97 -44.78 28.57
N LEU C 18 2.75 -44.82 27.51
CA LEU C 18 2.47 -45.69 26.38
C LEU C 18 3.31 -46.96 26.41
N GLY C 19 4.62 -46.81 26.50
CA GLY C 19 5.48 -47.98 26.53
C GLY C 19 6.95 -47.66 26.44
N ARG C 20 7.77 -48.71 26.48
CA ARG C 20 9.24 -48.51 26.45
C ARG C 20 9.83 -48.96 25.10
N VAL C 21 10.63 -48.10 24.51
CA VAL C 21 11.37 -48.49 23.28
C VAL C 21 12.84 -48.53 23.67
N SER C 22 13.52 -49.63 23.36
CA SER C 22 14.96 -49.67 23.58
C SER C 22 15.69 -49.82 22.25
N PHE C 23 16.92 -49.31 22.25
CA PHE C 23 17.70 -49.27 21.00
C PHE C 23 19.10 -49.75 21.20
N GLU C 24 19.60 -50.51 20.24
CA GLU C 24 21.01 -50.84 20.18
C GLU C 24 21.69 -49.74 19.36
N LEU C 25 22.80 -49.22 19.88
CA LEU C 25 23.57 -48.18 19.20
C LEU C 25 24.85 -48.81 18.69
N PHE C 26 25.11 -48.70 17.38
CA PHE C 26 26.24 -49.39 16.79
C PHE C 26 27.51 -48.55 16.96
N ALA C 27 27.95 -48.46 18.22
CA ALA C 27 29.22 -47.80 18.53
C ALA C 27 30.41 -48.51 17.86
N ASP C 28 30.27 -49.79 17.51
CA ASP C 28 31.35 -50.47 16.80
C ASP C 28 31.52 -50.00 15.36
N LYS C 29 30.57 -49.24 14.80
CA LYS C 29 30.64 -48.71 13.45
C LYS C 29 30.54 -47.19 13.41
N VAL C 30 29.81 -46.57 14.32
CA VAL C 30 29.70 -45.11 14.35
C VAL C 30 29.85 -44.64 15.80
N PRO C 31 31.07 -44.76 16.36
CA PRO C 31 31.25 -44.45 17.79
C PRO C 31 30.85 -43.04 18.15
N LYS C 32 31.21 -42.07 17.31
CA LYS C 32 30.98 -40.69 17.66
C LYS C 32 29.50 -40.36 17.65
N THR C 33 28.75 -40.94 16.69
CA THR C 33 27.32 -40.66 16.60
C THR C 33 26.56 -41.45 17.66
N ALA C 34 26.99 -42.69 17.88
CA ALA C 34 26.39 -43.49 18.94
C ALA C 34 26.60 -42.84 20.30
N GLU C 35 27.82 -42.35 20.57
CA GLU C 35 28.08 -41.71 21.85
C GLU C 35 27.21 -40.48 22.07
N ASN C 36 27.02 -39.65 21.04
CA ASN C 36 26.15 -38.49 21.16
C ASN C 36 24.77 -38.89 21.64
N PHE C 37 24.19 -39.91 21.02
CA PHE C 37 22.80 -40.30 21.37
C PHE C 37 22.80 -40.92 22.76
N ARG C 38 23.83 -41.73 23.03
CA ARG C 38 23.93 -42.34 24.35
C ARG C 38 23.90 -41.29 25.45
N ALA C 39 24.77 -40.28 25.33
CA ALA C 39 24.87 -39.26 26.37
C ALA C 39 23.61 -38.41 26.46
N LEU C 40 22.96 -38.07 25.33
CA LEU C 40 21.73 -37.29 25.38
C LEU C 40 20.59 -38.08 26.03
N SER C 41 20.67 -39.40 25.93
CA SER C 41 19.63 -40.28 26.50
C SER C 41 19.82 -40.43 28.03
N THR C 42 21.07 -40.38 28.53
CA THR C 42 21.25 -40.43 29.99
C THR C 42 21.11 -39.05 30.64
N GLY C 43 21.37 -37.98 29.90
CA GLY C 43 21.35 -36.64 30.47
C GLY C 43 22.64 -36.23 31.18
N GLU C 44 23.68 -37.05 31.10
CA GLU C 44 24.88 -36.86 31.90
C GLU C 44 25.67 -35.59 31.56
N LYS C 45 25.31 -34.86 30.50
CA LYS C 45 25.92 -33.57 30.23
C LYS C 45 25.11 -32.41 30.76
N GLY C 46 23.99 -32.68 31.43
CA GLY C 46 23.12 -31.61 31.90
C GLY C 46 22.00 -31.23 30.96
N PHE C 47 21.90 -31.88 29.81
CA PHE C 47 20.79 -31.66 28.87
C PHE C 47 20.60 -32.96 28.10
N GLY C 48 19.49 -33.05 27.37
CA GLY C 48 19.23 -34.33 26.71
C GLY C 48 17.76 -34.46 26.33
N TYR C 49 17.38 -35.68 25.96
CA TYR C 49 16.03 -35.95 25.39
C TYR C 49 14.92 -35.99 26.42
N LYS C 50 15.24 -36.19 27.70
CA LYS C 50 14.14 -36.36 28.64
C LYS C 50 13.22 -35.15 28.61
N GLY C 51 11.92 -35.39 28.48
CA GLY C 51 10.96 -34.31 28.40
C GLY C 51 10.63 -33.82 27.01
N SER C 52 11.42 -34.17 26.01
CA SER C 52 11.21 -33.64 24.68
C SER C 52 10.19 -34.50 23.94
N CYS C 53 9.76 -34.01 22.78
CA CYS C 53 8.65 -34.64 22.09
C CYS C 53 9.05 -35.12 20.71
N PHE C 54 8.18 -36.00 20.19
CA PHE C 54 8.31 -36.42 18.77
C PHE C 54 7.44 -35.44 18.04
N HIS C 55 8.06 -34.52 17.30
CA HIS C 55 7.32 -33.43 16.69
C HIS C 55 6.79 -33.78 15.31
N ARG C 56 7.29 -34.83 14.67
CA ARG C 56 6.94 -35.15 13.29
C ARG C 56 6.78 -36.66 13.18
N ILE C 57 5.56 -37.11 13.00
CA ILE C 57 5.25 -38.55 12.87
C ILE C 57 4.42 -38.68 11.61
N ILE C 58 4.99 -39.34 10.61
CA ILE C 58 4.35 -39.51 9.32
C ILE C 58 4.17 -40.99 9.06
N PRO C 59 2.95 -41.51 9.19
CA PRO C 59 2.71 -42.93 8.97
C PRO C 59 3.16 -43.39 7.60
N GLY C 60 3.76 -44.59 7.54
CA GLY C 60 4.39 -45.07 6.33
C GLY C 60 5.86 -44.74 6.21
N PHE C 61 6.41 -43.93 7.12
CA PHE C 61 7.76 -43.40 6.93
C PHE C 61 8.54 -43.41 8.24
N MET C 62 8.24 -42.50 9.18
CA MET C 62 9.14 -42.40 10.33
C MET C 62 8.49 -41.60 11.44
N CYS C 63 9.08 -41.73 12.64
CA CYS C 63 8.83 -40.88 13.81
C CYS C 63 10.08 -40.07 14.09
N GLN C 64 9.98 -38.74 14.09
CA GLN C 64 11.16 -37.88 14.27
C GLN C 64 11.03 -37.03 15.53
N GLY C 65 12.13 -36.93 16.27
CA GLY C 65 12.17 -36.20 17.55
C GLY C 65 13.51 -35.62 17.83
N GLY C 66 13.72 -35.18 19.08
CA GLY C 66 15.04 -34.84 19.58
C GLY C 66 15.32 -33.37 19.74
N ASP C 67 14.34 -32.47 19.49
CA ASP C 67 14.53 -31.03 19.73
C ASP C 67 14.21 -30.73 21.18
N PHE C 68 15.24 -30.63 22.02
CA PHE C 68 15.06 -30.30 23.42
C PHE C 68 15.52 -28.88 23.77
N THR C 69 15.94 -28.10 22.78
CA THR C 69 16.43 -26.75 23.05
C THR C 69 15.42 -25.66 22.69
N ARG C 70 14.65 -25.87 21.62
CA ARG C 70 13.66 -24.85 21.17
C ARG C 70 12.24 -25.42 21.27
N HIS C 71 12.10 -26.74 21.26
CA HIS C 71 10.82 -27.42 21.41
C HIS C 71 9.82 -27.04 20.33
N ASN C 72 10.33 -26.81 19.12
CA ASN C 72 9.47 -26.41 17.97
C ASN C 72 9.86 -27.18 16.71
N GLY C 73 10.68 -28.22 16.84
CA GLY C 73 11.15 -28.96 15.69
C GLY C 73 12.33 -28.37 14.95
N THR C 74 12.88 -27.24 15.41
CA THR C 74 13.96 -26.55 14.67
C THR C 74 15.27 -26.59 15.43
N GLY C 75 15.26 -27.07 16.66
CA GLY C 75 16.40 -26.98 17.53
C GLY C 75 17.08 -28.31 17.80
N GLY C 76 17.72 -28.38 18.96
CA GLY C 76 18.60 -29.46 19.34
C GLY C 76 20.07 -29.10 19.17
N LYS C 77 20.91 -29.83 19.89
CA LYS C 77 22.35 -29.64 19.87
C LYS C 77 23.00 -30.94 20.29
N SER C 78 24.22 -31.15 19.82
CA SER C 78 24.98 -32.34 20.13
C SER C 78 25.81 -32.10 21.39
N ILE C 79 26.50 -33.16 21.83
CA ILE C 79 27.39 -33.07 22.99
C ILE C 79 28.76 -32.54 22.56
N TYR C 80 28.90 -32.14 21.30
CA TYR C 80 30.17 -31.69 20.74
C TYR C 80 30.14 -30.22 20.35
N GLY C 81 29.15 -29.46 20.81
CA GLY C 81 28.84 -28.18 20.21
C GLY C 81 27.59 -28.30 19.35
N GLU C 82 27.33 -27.23 18.59
CA GLU C 82 26.05 -27.13 17.90
C GLU C 82 25.85 -28.26 16.90
N LYS C 83 26.84 -28.52 16.02
CA LYS C 83 26.67 -29.49 14.94
C LYS C 83 27.97 -30.27 14.74
N PHE C 84 27.84 -31.51 14.25
CA PHE C 84 29.02 -32.31 13.98
C PHE C 84 28.88 -33.03 12.64
N GLU C 85 30.01 -33.58 12.21
CA GLU C 85 30.18 -34.09 10.86
C GLU C 85 29.46 -35.44 10.69
N ASP C 86 29.14 -35.76 9.44
CA ASP C 86 28.64 -37.09 9.09
C ASP C 86 29.76 -38.10 9.28
N GLU C 87 29.60 -38.98 10.26
CA GLU C 87 30.71 -39.83 10.66
C GLU C 87 31.08 -40.81 9.55
N ASN C 88 30.09 -41.53 9.03
CA ASN C 88 30.26 -42.37 7.86
C ASN C 88 28.86 -42.80 7.43
N PHE C 89 28.78 -43.49 6.28
CA PHE C 89 27.51 -44.05 5.82
C PHE C 89 27.60 -45.55 5.64
N ILE C 90 28.28 -46.23 6.58
CA ILE C 90 28.39 -47.69 6.52
C ILE C 90 27.01 -48.35 6.55
N LEU C 91 26.14 -47.88 7.44
CA LEU C 91 24.84 -48.52 7.67
C LEU C 91 23.76 -47.88 6.81
N LYS C 92 22.81 -48.70 6.38
CA LYS C 92 21.76 -48.30 5.44
C LYS C 92 20.39 -48.31 6.12
N HIS C 93 19.43 -47.63 5.47
CA HIS C 93 18.05 -47.54 5.96
C HIS C 93 17.33 -48.75 5.38
N THR C 94 17.39 -49.88 6.08
CA THR C 94 16.98 -51.13 5.47
C THR C 94 15.55 -51.54 5.78
N GLY C 95 14.89 -50.87 6.74
CA GLY C 95 13.57 -51.30 7.18
C GLY C 95 13.09 -50.64 8.46
N PRO C 96 11.90 -51.06 8.93
CA PRO C 96 11.39 -50.55 10.20
C PRO C 96 12.39 -50.79 11.33
N GLY C 97 12.47 -49.81 12.22
CA GLY C 97 13.29 -49.89 13.41
C GLY C 97 14.65 -49.21 13.30
N ILE C 98 15.06 -48.82 12.10
CA ILE C 98 16.35 -48.12 11.95
C ILE C 98 16.28 -46.77 12.65
N LEU C 99 17.35 -46.43 13.35
CA LEU C 99 17.55 -45.18 14.07
C LEU C 99 18.63 -44.38 13.35
N SER C 100 18.29 -43.15 12.94
CA SER C 100 19.17 -42.39 12.05
C SER C 100 19.10 -40.91 12.41
N MET C 101 20.13 -40.15 12.02
CA MET C 101 20.17 -38.74 12.37
C MET C 101 19.40 -37.87 11.37
N ALA C 102 18.58 -36.98 11.88
CA ALA C 102 18.05 -35.86 11.09
C ALA C 102 19.13 -34.80 10.89
N ASN C 103 19.00 -34.01 9.83
CA ASN C 103 20.00 -32.96 9.62
C ASN C 103 19.46 -31.90 8.66
N ALA C 104 20.26 -30.85 8.48
CA ALA C 104 19.94 -29.73 7.60
C ALA C 104 20.86 -29.72 6.38
N GLY C 105 21.26 -30.89 5.92
CA GLY C 105 22.29 -31.01 4.93
C GLY C 105 23.56 -31.58 5.50
N PRO C 106 24.59 -31.71 4.65
CA PRO C 106 25.82 -32.39 5.04
C PRO C 106 26.47 -31.79 6.28
N ASN C 107 26.96 -32.68 7.16
CA ASN C 107 27.72 -32.35 8.36
C ASN C 107 27.00 -31.36 9.26
N THR C 108 25.69 -31.58 9.48
CA THR C 108 24.92 -30.71 10.38
C THR C 108 24.13 -31.53 11.41
N ASN C 109 24.72 -32.62 11.92
CA ASN C 109 24.05 -33.40 12.97
C ASN C 109 24.05 -32.65 14.30
N GLY C 110 22.90 -32.67 14.97
CA GLY C 110 22.83 -32.12 16.31
C GLY C 110 22.28 -33.15 17.27
N SER C 111 20.97 -33.05 17.56
CA SER C 111 20.32 -34.07 18.36
C SER C 111 19.07 -34.68 17.71
N GLN C 112 18.52 -34.08 16.67
CA GLN C 112 17.30 -34.64 16.09
C GLN C 112 17.60 -35.98 15.39
N PHE C 113 16.68 -36.92 15.56
CA PHE C 113 16.84 -38.26 15.00
C PHE C 113 15.49 -38.74 14.52
N PHE C 114 15.48 -39.85 13.81
CA PHE C 114 14.22 -40.44 13.40
C PHE C 114 14.31 -41.95 13.49
N ILE C 115 13.16 -42.56 13.80
CA ILE C 115 13.02 -44.02 13.80
C ILE C 115 12.18 -44.37 12.60
N CYS C 116 12.72 -45.17 11.69
CA CYS C 116 11.95 -45.55 10.51
C CYS C 116 10.87 -46.55 10.87
N THR C 117 9.72 -46.43 10.20
CA THR C 117 8.68 -47.46 10.29
C THR C 117 8.55 -48.23 9.00
N ALA C 118 9.43 -47.97 8.05
CA ALA C 118 9.43 -48.64 6.76
C ALA C 118 10.82 -48.48 6.19
N LYS C 119 11.09 -49.18 5.10
CA LYS C 119 12.38 -49.01 4.43
C LYS C 119 12.40 -47.65 3.73
N THR C 120 13.44 -46.86 3.98
CA THR C 120 13.58 -45.50 3.43
C THR C 120 14.93 -45.39 2.74
N GLU C 121 15.08 -46.14 1.65
CA GLU C 121 16.37 -46.30 1.02
C GLU C 121 16.89 -45.00 0.41
N TRP C 122 16.01 -44.08 0.01
CA TRP C 122 16.44 -42.83 -0.61
C TRP C 122 17.18 -41.92 0.38
N LEU C 123 17.07 -42.18 1.68
CA LEU C 123 17.84 -41.42 2.66
C LEU C 123 19.28 -41.91 2.78
N ASP C 124 19.61 -43.02 2.14
CA ASP C 124 20.95 -43.60 2.21
C ASP C 124 21.97 -42.59 1.70
N GLY C 125 23.04 -42.42 2.48
CA GLY C 125 24.08 -41.45 2.15
C GLY C 125 23.73 -40.01 2.44
N LYS C 126 22.52 -39.71 2.90
CA LYS C 126 22.17 -38.37 3.33
C LYS C 126 21.98 -38.25 4.84
N HIS C 127 21.81 -39.37 5.52
CA HIS C 127 21.54 -39.43 6.95
C HIS C 127 22.36 -40.56 7.54
N VAL C 128 23.07 -40.29 8.63
CA VAL C 128 23.90 -41.30 9.29
C VAL C 128 23.02 -42.26 10.12
N VAL C 129 22.99 -43.52 9.71
CA VAL C 129 22.33 -44.57 10.50
C VAL C 129 23.26 -45.01 11.63
N PHE C 130 22.72 -45.15 12.84
CA PHE C 130 23.58 -45.45 13.97
C PHE C 130 22.93 -46.38 14.99
N GLY C 131 21.72 -46.87 14.75
CA GLY C 131 21.17 -47.77 15.75
C GLY C 131 19.95 -48.49 15.20
N LYS C 132 19.34 -49.30 16.05
CA LYS C 132 18.09 -49.95 15.67
C LYS C 132 17.29 -50.26 16.93
N VAL C 133 15.97 -50.22 16.78
CA VAL C 133 15.07 -50.66 17.86
C VAL C 133 15.36 -52.10 18.22
N LYS C 134 15.54 -52.33 19.51
CA LYS C 134 15.80 -53.68 20.00
C LYS C 134 14.54 -54.30 20.56
N GLU C 135 13.79 -53.54 21.37
CA GLU C 135 12.52 -53.94 21.97
C GLU C 135 11.54 -52.79 21.88
N GLY C 136 10.26 -53.11 21.81
CA GLY C 136 9.26 -52.07 21.81
C GLY C 136 8.93 -51.51 20.44
N MET C 137 9.22 -52.26 19.36
CA MET C 137 8.80 -51.80 18.05
C MET C 137 7.28 -51.64 18.00
N ASN C 138 6.53 -52.41 18.80
CA ASN C 138 5.09 -52.21 18.80
C ASN C 138 4.70 -50.84 19.36
N ILE C 139 5.56 -50.27 20.20
CA ILE C 139 5.31 -48.93 20.71
C ILE C 139 5.52 -47.91 19.60
N VAL C 140 6.59 -48.08 18.82
CA VAL C 140 6.82 -47.20 17.68
C VAL C 140 5.65 -47.27 16.71
N GLU C 141 5.15 -48.48 16.45
CA GLU C 141 3.98 -48.58 15.59
C GLU C 141 2.78 -47.89 16.21
N ALA C 142 2.62 -47.97 17.53
CA ALA C 142 1.46 -47.31 18.12
C ALA C 142 1.58 -45.80 18.04
N MET C 143 2.82 -45.29 17.99
CA MET C 143 3.03 -43.86 17.86
C MET C 143 2.47 -43.35 16.54
N GLU C 144 2.48 -44.19 15.49
CA GLU C 144 1.99 -43.78 14.18
C GLU C 144 0.53 -43.36 14.18
N ARG C 145 -0.29 -43.88 15.11
CA ARG C 145 -1.70 -43.51 15.15
C ARG C 145 -1.89 -42.03 15.40
N PHE C 146 -0.89 -41.35 15.93
CA PHE C 146 -1.00 -39.96 16.29
C PHE C 146 -0.34 -39.05 15.26
N GLY C 147 0.11 -39.60 14.14
CA GLY C 147 0.76 -38.83 13.10
C GLY C 147 -0.22 -38.43 12.01
N SER C 148 0.34 -37.87 10.95
CA SER C 148 -0.48 -37.33 9.86
C SER C 148 0.41 -37.17 8.65
N ARG C 149 -0.23 -36.80 7.53
CA ARG C 149 0.48 -36.69 6.25
C ARG C 149 1.64 -35.72 6.34
N ASN C 150 1.47 -34.61 7.02
CA ASN C 150 2.59 -33.68 7.13
C ASN C 150 3.38 -33.82 8.42
N GLY C 151 3.05 -34.77 9.29
CA GLY C 151 3.82 -35.03 10.48
C GLY C 151 3.25 -34.43 11.77
N LYS C 152 2.37 -33.44 11.66
CA LYS C 152 1.78 -32.86 12.85
C LYS C 152 1.08 -33.95 13.64
N THR C 153 1.34 -33.99 14.94
CA THR C 153 0.77 -35.02 15.79
C THR C 153 -0.54 -34.54 16.39
N SER C 154 -1.46 -35.48 16.55
CA SER C 154 -2.78 -35.18 17.09
C SER C 154 -2.84 -35.28 18.60
N LYS C 155 -1.81 -35.85 19.24
CA LYS C 155 -1.62 -35.79 20.68
C LYS C 155 -0.14 -35.57 20.96
N LYS C 156 0.16 -35.10 22.16
CA LYS C 156 1.53 -34.78 22.51
C LYS C 156 2.28 -36.07 22.85
N ILE C 157 3.30 -36.42 22.06
CA ILE C 157 4.01 -37.68 22.23
C ILE C 157 5.39 -37.33 22.79
N THR C 158 5.66 -37.71 24.02
CA THR C 158 6.86 -37.23 24.67
C THR C 158 7.74 -38.36 25.15
N ILE C 159 9.01 -38.01 25.41
CA ILE C 159 9.97 -38.96 26.03
C ILE C 159 9.88 -38.65 27.52
N ALA C 160 9.03 -39.38 28.22
CA ALA C 160 8.79 -39.11 29.63
C ALA C 160 10.01 -39.45 30.47
N ASP C 161 10.73 -40.47 30.02
CA ASP C 161 11.99 -40.84 30.68
C ASP C 161 12.90 -41.53 29.68
N CYS C 162 14.21 -41.38 29.88
CA CYS C 162 15.18 -42.07 29.02
C CYS C 162 16.45 -42.36 29.83
N GLY C 163 17.22 -43.33 29.37
CA GLY C 163 18.49 -43.60 30.01
C GLY C 163 19.20 -44.74 29.32
N GLN C 164 20.20 -45.30 30.00
CA GLN C 164 20.99 -46.38 29.45
C GLN C 164 20.66 -47.68 30.19
N LEU C 165 20.54 -48.76 29.45
CA LEU C 165 20.31 -50.05 30.08
C LEU C 165 21.65 -50.72 30.46
N ASN D 4 -1.91 54.75 14.14
CA ASN D 4 -2.56 53.81 13.22
C ASN D 4 -3.86 54.35 12.66
N PRO D 5 -3.95 54.38 11.34
CA PRO D 5 -5.16 54.88 10.70
C PRO D 5 -6.35 53.94 10.89
N THR D 6 -7.54 54.53 10.81
N THR D 6 -7.54 54.52 10.81
CA THR D 6 -8.82 53.83 10.85
CA THR D 6 -8.79 53.77 10.84
C THR D 6 -9.57 54.09 9.55
C THR D 6 -9.56 54.08 9.57
N VAL D 7 -10.16 53.03 8.98
CA VAL D 7 -11.00 53.17 7.79
C VAL D 7 -12.33 52.50 8.09
N PHE D 8 -13.33 52.84 7.29
CA PHE D 8 -14.68 52.27 7.41
C PHE D 8 -15.16 51.77 6.06
N PHE D 9 -16.04 50.77 6.12
CA PHE D 9 -16.86 50.30 5.00
C PHE D 9 -18.33 50.44 5.42
N ASP D 10 -19.15 51.05 4.57
CA ASP D 10 -20.59 50.94 4.74
C ASP D 10 -21.07 49.78 3.88
N ILE D 11 -21.62 48.74 4.51
CA ILE D 11 -21.98 47.51 3.81
C ILE D 11 -23.45 47.58 3.39
N ALA D 12 -23.73 47.13 2.17
CA ALA D 12 -25.10 46.95 1.71
C ALA D 12 -25.34 45.51 1.26
N VAL D 13 -26.61 45.10 1.31
CA VAL D 13 -27.07 43.77 0.91
C VAL D 13 -28.17 43.96 -0.12
N ASP D 14 -27.91 43.54 -1.36
CA ASP D 14 -28.80 43.84 -2.50
C ASP D 14 -29.21 45.31 -2.52
N GLY D 15 -28.27 46.20 -2.18
CA GLY D 15 -28.49 47.63 -2.16
C GLY D 15 -29.12 48.19 -0.88
N GLU D 16 -29.66 47.35 -0.02
CA GLU D 16 -30.25 47.78 1.26
C GLU D 16 -29.17 47.91 2.31
N PRO D 17 -29.07 49.03 3.01
CA PRO D 17 -27.96 49.22 3.96
C PRO D 17 -28.02 48.21 5.09
N LEU D 18 -26.85 47.73 5.49
CA LEU D 18 -26.70 46.83 6.61
C LEU D 18 -26.06 47.53 7.79
N GLY D 19 -24.88 48.12 7.60
CA GLY D 19 -24.25 48.87 8.67
C GLY D 19 -22.78 49.08 8.38
N ARG D 20 -22.12 49.74 9.32
CA ARG D 20 -20.74 50.18 9.17
C ARG D 20 -19.78 49.27 9.90
N VAL D 21 -18.69 48.89 9.22
CA VAL D 21 -17.58 48.17 9.81
C VAL D 21 -16.37 49.09 9.76
N SER D 22 -15.66 49.22 10.88
CA SER D 22 -14.47 50.05 10.88
C SER D 22 -13.25 49.20 11.22
N PHE D 23 -12.10 49.59 10.68
CA PHE D 23 -10.90 48.79 10.84
C PHE D 23 -9.76 49.63 11.38
N GLU D 24 -8.94 49.05 12.26
CA GLU D 24 -7.65 49.64 12.57
C GLU D 24 -6.60 48.98 11.67
N LEU D 25 -5.74 49.79 11.06
CA LEU D 25 -4.71 49.31 10.14
C LEU D 25 -3.37 49.46 10.84
N PHE D 26 -2.62 48.36 10.90
CA PHE D 26 -1.39 48.31 11.70
C PHE D 26 -0.22 48.94 10.95
N ALA D 27 -0.35 50.22 10.68
CA ALA D 27 0.73 50.95 10.00
C ALA D 27 2.03 50.91 10.80
N ASP D 28 1.95 50.76 12.14
CA ASP D 28 3.16 50.66 12.94
C ASP D 28 3.93 49.37 12.67
N LYS D 29 3.30 48.32 12.14
CA LYS D 29 4.00 47.06 11.91
C LYS D 29 4.11 46.67 10.44
N VAL D 30 3.15 47.05 9.61
CA VAL D 30 3.14 46.72 8.18
C VAL D 30 2.74 47.99 7.44
N PRO D 31 3.63 48.99 7.39
CA PRO D 31 3.22 50.28 6.83
C PRO D 31 2.85 50.23 5.37
N LYS D 32 3.52 49.42 4.57
CA LYS D 32 3.23 49.48 3.11
C LYS D 32 1.88 48.83 2.82
N THR D 33 1.60 47.74 3.51
CA THR D 33 0.33 47.05 3.29
C THR D 33 -0.82 47.82 3.88
N ALA D 34 -0.65 48.39 5.08
CA ALA D 34 -1.69 49.26 5.61
C ALA D 34 -1.98 50.42 4.66
N GLU D 35 -0.93 51.01 4.07
CA GLU D 35 -1.12 52.19 3.24
C GLU D 35 -1.89 51.84 1.98
N ASN D 36 -1.59 50.67 1.39
CA ASN D 36 -2.35 50.19 0.24
C ASN D 36 -3.84 50.13 0.56
N PHE D 37 -4.20 49.52 1.70
CA PHE D 37 -5.60 49.40 2.07
C PHE D 37 -6.22 50.75 2.39
N ARG D 38 -5.49 51.63 3.10
CA ARG D 38 -6.00 52.97 3.41
C ARG D 38 -6.33 53.73 2.13
N ALA D 39 -5.37 53.78 1.21
CA ALA D 39 -5.53 54.51 -0.04
C ALA D 39 -6.66 53.95 -0.87
N LEU D 40 -6.78 52.61 -0.91
CA LEU D 40 -7.86 51.99 -1.67
C LEU D 40 -9.22 52.25 -1.02
N SER D 41 -9.25 52.43 0.30
CA SER D 41 -10.50 52.79 0.97
C SER D 41 -10.89 54.25 0.73
N THR D 42 -9.92 55.14 0.50
CA THR D 42 -10.30 56.52 0.23
C THR D 42 -10.57 56.77 -1.23
N GLY D 43 -10.04 55.91 -2.12
CA GLY D 43 -10.15 56.07 -3.55
C GLY D 43 -9.22 57.12 -4.12
N GLU D 44 -8.24 57.57 -3.34
CA GLU D 44 -7.47 58.77 -3.68
C GLU D 44 -6.59 58.58 -4.91
N LYS D 45 -6.22 57.34 -5.23
CA LYS D 45 -5.46 57.10 -6.46
C LYS D 45 -6.35 57.09 -7.69
N GLY D 46 -7.66 57.29 -7.52
CA GLY D 46 -8.59 57.22 -8.63
C GLY D 46 -9.31 55.90 -8.74
N PHE D 47 -8.99 54.94 -7.87
CA PHE D 47 -9.64 53.65 -7.89
C PHE D 47 -9.60 53.09 -6.47
N GLY D 48 -10.42 52.07 -6.22
CA GLY D 48 -10.42 51.48 -4.89
C GLY D 48 -11.72 50.72 -4.63
N TYR D 49 -11.99 50.52 -3.34
CA TYR D 49 -12.96 49.53 -2.91
C TYR D 49 -14.40 49.96 -3.12
N LYS D 50 -14.68 51.27 -3.17
CA LYS D 50 -16.08 51.71 -3.24
C LYS D 50 -16.81 51.04 -4.40
N GLY D 51 -17.96 50.43 -4.09
CA GLY D 51 -18.76 49.75 -5.09
C GLY D 51 -18.47 48.27 -5.29
N SER D 52 -17.33 47.78 -4.84
CA SER D 52 -16.97 46.39 -5.04
C SER D 52 -17.70 45.51 -4.02
N CYS D 53 -17.64 44.20 -4.22
CA CYS D 53 -18.47 43.30 -3.42
C CYS D 53 -17.61 42.33 -2.63
N PHE D 54 -18.22 41.66 -1.67
CA PHE D 54 -17.61 40.50 -0.98
C PHE D 54 -18.03 39.26 -1.76
N HIS D 55 -17.13 38.72 -2.57
CA HIS D 55 -17.47 37.67 -3.50
C HIS D 55 -17.38 36.28 -2.91
N ARG D 56 -16.75 36.11 -1.74
CA ARG D 56 -16.55 34.78 -1.17
C ARG D 56 -16.79 34.90 0.32
N ILE D 57 -17.89 34.31 0.81
CA ILE D 57 -18.22 34.35 2.22
C ILE D 57 -18.40 32.90 2.66
N ILE D 58 -17.59 32.45 3.62
CA ILE D 58 -17.71 31.05 4.07
C ILE D 58 -17.94 31.06 5.57
N PRO D 59 -19.16 30.77 6.03
CA PRO D 59 -19.42 30.77 7.47
C PRO D 59 -18.48 29.82 8.19
N GLY D 60 -18.01 30.25 9.36
CA GLY D 60 -17.02 29.52 10.10
C GLY D 60 -15.59 29.90 9.78
N PHE D 61 -15.38 30.74 8.75
CA PHE D 61 -14.02 30.97 8.28
C PHE D 61 -13.75 32.44 8.00
N MET D 62 -14.31 33.00 6.93
N MET D 62 -14.33 33.00 6.94
CA MET D 62 -13.93 34.36 6.58
CA MET D 62 -13.94 34.37 6.60
C MET D 62 -14.91 34.96 5.57
C MET D 62 -14.85 34.94 5.53
N CYS D 63 -14.79 36.28 5.41
CA CYS D 63 -15.43 37.04 4.34
C CYS D 63 -14.34 37.68 3.49
N GLN D 64 -14.39 37.47 2.17
CA GLN D 64 -13.33 37.95 1.29
C GLN D 64 -13.89 38.86 0.22
N GLY D 65 -13.17 39.93 -0.06
CA GLY D 65 -13.60 40.88 -1.09
C GLY D 65 -12.45 41.64 -1.70
N GLY D 66 -12.78 42.75 -2.38
CA GLY D 66 -11.79 43.68 -2.83
C GLY D 66 -11.45 43.65 -4.31
N ASP D 67 -12.13 42.84 -5.12
CA ASP D 67 -11.86 42.86 -6.57
C ASP D 67 -12.67 43.98 -7.21
N PHE D 68 -12.09 45.16 -7.30
CA PHE D 68 -12.76 46.28 -7.94
C PHE D 68 -12.37 46.43 -9.41
N THR D 69 -11.52 45.57 -9.96
CA THR D 69 -11.18 45.78 -11.36
C THR D 69 -11.97 44.89 -12.30
N ARG D 70 -12.24 43.66 -11.88
CA ARG D 70 -12.95 42.70 -12.75
C ARG D 70 -14.34 42.35 -12.15
N HIS D 71 -14.55 42.67 -10.88
CA HIS D 71 -15.84 42.40 -10.24
C HIS D 71 -16.24 40.96 -10.40
N ASN D 72 -15.26 40.05 -10.31
CA ASN D 72 -15.62 38.63 -10.37
C ASN D 72 -14.76 37.72 -9.51
N GLY D 73 -14.00 38.24 -8.55
CA GLY D 73 -13.18 37.40 -7.71
C GLY D 73 -11.78 37.16 -8.21
N THR D 74 -11.46 37.55 -9.45
CA THR D 74 -10.16 37.24 -10.00
C THR D 74 -9.22 38.44 -10.04
N GLY D 75 -9.74 39.65 -9.89
CA GLY D 75 -8.95 40.83 -10.16
C GLY D 75 -8.50 41.57 -8.91
N GLY D 76 -8.40 42.89 -9.05
CA GLY D 76 -7.84 43.69 -7.97
C GLY D 76 -6.46 44.19 -8.35
N LYS D 77 -6.07 45.33 -7.80
CA LYS D 77 -4.71 45.85 -8.04
C LYS D 77 -4.31 46.70 -6.83
N SER D 78 -3.02 46.84 -6.63
CA SER D 78 -2.52 47.65 -5.49
C SER D 78 -2.18 49.06 -5.97
N ILE D 79 -1.96 49.93 -5.02
CA ILE D 79 -1.45 51.25 -5.38
C ILE D 79 0.01 51.25 -5.81
N TYR D 80 0.72 50.12 -5.76
CA TYR D 80 2.12 50.06 -6.17
C TYR D 80 2.33 49.43 -7.54
N GLY D 81 1.25 48.92 -8.12
CA GLY D 81 1.31 48.15 -9.36
C GLY D 81 0.31 47.02 -9.20
N GLU D 82 0.23 46.12 -10.18
CA GLU D 82 -0.80 45.06 -10.10
C GLU D 82 -0.62 44.32 -8.78
N LYS D 83 0.62 43.93 -8.49
CA LYS D 83 0.89 43.16 -7.26
C LYS D 83 2.11 43.72 -6.53
N PHE D 84 2.21 43.42 -5.24
CA PHE D 84 3.39 43.85 -4.44
C PHE D 84 3.79 42.72 -3.51
N GLU D 85 5.01 42.80 -3.02
CA GLU D 85 5.58 41.72 -2.21
C GLU D 85 4.99 41.59 -0.80
N ASP D 86 5.19 40.43 -0.19
CA ASP D 86 4.77 40.22 1.21
C ASP D 86 5.69 41.06 2.09
N GLU D 87 5.13 42.05 2.78
CA GLU D 87 5.94 42.95 3.63
C GLU D 87 6.58 42.16 4.78
N ASN D 88 5.76 41.56 5.64
CA ASN D 88 6.27 40.68 6.69
C ASN D 88 5.13 39.80 7.16
N PHE D 89 5.47 38.81 7.97
CA PHE D 89 4.49 37.89 8.53
C PHE D 89 4.55 37.97 10.05
N ILE D 90 4.73 39.18 10.59
CA ILE D 90 4.89 39.32 12.03
C ILE D 90 3.58 38.99 12.75
N LEU D 91 2.45 39.47 12.22
CA LEU D 91 1.14 39.31 12.87
C LEU D 91 0.49 38.03 12.40
N LYS D 92 -0.26 37.40 13.31
CA LYS D 92 -0.83 36.10 13.03
C LYS D 92 -2.35 36.20 12.92
N HIS D 93 -2.94 35.16 12.34
CA HIS D 93 -4.40 35.01 12.23
C HIS D 93 -4.97 34.41 13.53
N THR D 94 -5.17 35.28 14.53
CA THR D 94 -5.39 34.81 15.89
C THR D 94 -6.85 34.63 16.26
N GLY D 95 -7.79 35.12 15.47
CA GLY D 95 -9.18 35.03 15.84
C GLY D 95 -10.04 35.90 14.98
N PRO D 96 -11.33 35.95 15.30
CA PRO D 96 -12.28 36.73 14.51
C PRO D 96 -11.88 38.19 14.46
N GLY D 97 -12.12 38.83 13.31
CA GLY D 97 -11.87 40.24 13.18
C GLY D 97 -10.54 40.57 12.51
N ILE D 98 -9.66 39.59 12.37
CA ILE D 98 -8.36 39.85 11.76
C ILE D 98 -8.54 40.20 10.29
N LEU D 99 -7.79 41.20 9.81
CA LEU D 99 -7.83 41.67 8.42
C LEU D 99 -6.51 41.32 7.75
N SER D 100 -6.57 40.63 6.62
CA SER D 100 -5.36 39.98 6.09
C SER D 100 -5.48 39.99 4.56
N MET D 101 -4.34 39.96 3.87
CA MET D 101 -4.36 40.04 2.39
C MET D 101 -4.60 38.68 1.74
N ALA D 102 -5.43 38.66 0.71
CA ALA D 102 -5.54 37.47 -0.10
C ALA D 102 -4.40 37.48 -1.11
N ASN D 103 -4.07 36.30 -1.65
CA ASN D 103 -3.01 36.23 -2.64
C ASN D 103 -3.12 34.92 -3.41
N ALA D 104 -2.28 34.80 -4.42
CA ALA D 104 -2.20 33.61 -5.25
C ALA D 104 -0.81 32.98 -5.13
N GLY D 105 -0.20 33.04 -3.95
CA GLY D 105 1.14 32.55 -3.71
C GLY D 105 2.06 33.68 -3.27
N PRO D 106 3.33 33.38 -3.01
CA PRO D 106 4.25 34.41 -2.51
C PRO D 106 4.25 35.68 -3.35
N ASN D 107 4.29 36.82 -2.67
CA ASN D 107 4.49 38.14 -3.33
C ASN D 107 3.46 38.42 -4.43
N THR D 108 2.18 38.20 -4.13
CA THR D 108 1.14 38.53 -5.11
C THR D 108 0.00 39.30 -4.47
N ASN D 109 0.34 40.16 -3.52
CA ASN D 109 -0.72 41.00 -2.91
C ASN D 109 -1.23 42.03 -3.91
N GLY D 110 -2.54 42.20 -4.03
CA GLY D 110 -3.10 43.26 -4.88
C GLY D 110 -4.06 44.09 -4.07
N SER D 111 -5.35 43.88 -4.25
CA SER D 111 -6.31 44.56 -3.38
C SER D 111 -7.22 43.62 -2.62
N GLN D 112 -7.34 42.36 -3.05
CA GLN D 112 -8.24 41.45 -2.32
C GLN D 112 -7.76 41.20 -0.89
N PHE D 113 -8.73 41.06 0.00
CA PHE D 113 -8.46 40.96 1.43
C PHE D 113 -9.50 40.02 1.99
N PHE D 114 -9.31 39.63 3.24
CA PHE D 114 -10.35 38.84 3.92
C PHE D 114 -10.40 39.27 5.37
N ILE D 115 -11.58 39.10 5.97
CA ILE D 115 -11.83 39.37 7.38
C ILE D 115 -12.13 38.01 7.99
N CYS D 116 -11.34 37.58 8.97
CA CYS D 116 -11.58 36.30 9.59
C CYS D 116 -12.80 36.36 10.49
N THR D 117 -13.58 35.28 10.49
CA THR D 117 -14.68 35.15 11.45
C THR D 117 -14.35 34.07 12.48
N ALA D 118 -13.11 33.59 12.48
CA ALA D 118 -12.62 32.55 13.39
C ALA D 118 -11.10 32.57 13.30
N LYS D 119 -10.45 31.83 14.19
CA LYS D 119 -9.00 31.67 14.06
C LYS D 119 -8.66 30.83 12.82
N THR D 120 -7.70 31.29 12.01
CA THR D 120 -7.29 30.57 10.79
C THR D 120 -5.76 30.45 10.78
N GLU D 121 -5.23 29.65 11.72
CA GLU D 121 -3.80 29.68 12.01
C GLU D 121 -2.96 29.12 10.87
N TRP D 122 -3.52 28.19 10.08
CA TRP D 122 -2.76 27.59 8.97
C TRP D 122 -2.45 28.61 7.86
N LEU D 123 -3.08 29.80 7.88
CA LEU D 123 -2.72 30.89 6.97
C LEU D 123 -1.53 31.70 7.45
N ASP D 124 -1.11 31.50 8.71
CA ASP D 124 0.05 32.22 9.24
C ASP D 124 1.28 31.99 8.36
N GLY D 125 2.02 33.06 8.10
CA GLY D 125 3.20 33.02 7.28
C GLY D 125 2.93 32.86 5.80
N LYS D 126 1.66 32.85 5.40
CA LYS D 126 1.32 32.81 3.98
C LYS D 126 0.53 34.03 3.51
N HIS D 127 -0.26 34.64 4.39
CA HIS D 127 -1.03 35.85 4.12
C HIS D 127 -0.61 36.92 5.11
N VAL D 128 -0.40 38.14 4.64
CA VAL D 128 0.04 39.24 5.48
C VAL D 128 -1.16 39.80 6.25
N VAL D 129 -1.13 39.65 7.57
CA VAL D 129 -2.07 40.29 8.48
C VAL D 129 -1.70 41.75 8.65
N PHE D 130 -2.66 42.65 8.48
CA PHE D 130 -2.30 44.06 8.56
C PHE D 130 -3.34 44.91 9.28
N GLY D 131 -4.40 44.31 9.85
CA GLY D 131 -5.41 45.14 10.46
C GLY D 131 -6.37 44.29 11.27
N LYS D 132 -7.35 44.95 11.87
CA LYS D 132 -8.40 44.23 12.59
C LYS D 132 -9.66 45.10 12.66
N VAL D 133 -10.79 44.43 12.73
CA VAL D 133 -12.06 45.13 12.94
C VAL D 133 -12.02 45.84 14.28
N LYS D 134 -12.37 47.13 14.28
CA LYS D 134 -12.49 47.91 15.50
C LYS D 134 -13.95 48.07 15.95
N GLU D 135 -14.83 48.47 15.05
CA GLU D 135 -16.26 48.51 15.36
C GLU D 135 -17.02 47.81 14.24
N GLY D 136 -18.17 47.26 14.59
CA GLY D 136 -19.01 46.68 13.58
C GLY D 136 -18.79 45.22 13.35
N MET D 137 -18.12 44.51 14.27
CA MET D 137 -17.99 43.08 14.08
C MET D 137 -19.35 42.41 13.96
N ASN D 138 -20.39 42.95 14.61
CA ASN D 138 -21.69 42.31 14.41
C ASN D 138 -22.20 42.43 12.96
N ILE D 139 -21.74 43.44 12.21
CA ILE D 139 -22.05 43.53 10.77
C ILE D 139 -21.37 42.39 10.01
N VAL D 140 -20.10 42.13 10.32
CA VAL D 140 -19.42 41.00 9.68
C VAL D 140 -20.11 39.70 10.03
N GLU D 141 -20.50 39.53 11.28
CA GLU D 141 -21.22 38.32 11.64
C GLU D 141 -22.54 38.22 10.88
N ALA D 142 -23.21 39.37 10.65
CA ALA D 142 -24.47 39.34 9.92
C ALA D 142 -24.27 39.02 8.44
N MET D 143 -23.08 39.30 7.89
CA MET D 143 -22.80 38.99 6.50
C MET D 143 -22.72 37.49 6.27
N GLU D 144 -22.41 36.71 7.31
CA GLU D 144 -22.08 35.29 7.12
C GLU D 144 -23.23 34.50 6.49
N ARG D 145 -24.46 34.77 6.90
CA ARG D 145 -25.56 33.94 6.40
C ARG D 145 -25.82 34.10 4.91
N PHE D 146 -25.23 35.09 4.27
CA PHE D 146 -25.34 35.22 2.83
C PHE D 146 -24.29 34.40 2.10
N GLY D 147 -23.47 33.66 2.84
CA GLY D 147 -22.45 32.82 2.26
C GLY D 147 -22.85 31.36 2.24
N SER D 148 -21.86 30.51 2.00
CA SER D 148 -22.10 29.10 1.80
C SER D 148 -20.79 28.35 1.96
N ARG D 149 -20.89 27.01 1.93
CA ARG D 149 -19.71 26.17 2.07
C ARG D 149 -18.59 26.55 1.08
N ASN D 150 -18.92 26.76 -0.19
CA ASN D 150 -17.88 27.12 -1.15
C ASN D 150 -17.74 28.62 -1.36
N GLY D 151 -18.51 29.42 -0.65
CA GLY D 151 -18.33 30.86 -0.61
C GLY D 151 -19.20 31.65 -1.54
N LYS D 152 -19.89 31.02 -2.49
CA LYS D 152 -20.77 31.78 -3.36
C LYS D 152 -21.87 32.44 -2.52
N THR D 153 -22.17 33.71 -2.81
CA THR D 153 -23.12 34.43 -1.97
C THR D 153 -24.52 34.34 -2.55
N SER D 154 -25.53 34.50 -1.69
CA SER D 154 -26.91 34.40 -2.14
C SER D 154 -27.55 35.76 -2.36
N LYS D 155 -26.92 36.83 -1.87
CA LYS D 155 -27.27 38.21 -2.17
C LYS D 155 -25.97 38.94 -2.47
N LYS D 156 -26.05 40.09 -3.16
CA LYS D 156 -24.87 40.87 -3.46
C LYS D 156 -24.50 41.71 -2.24
N ILE D 157 -23.33 41.43 -1.66
CA ILE D 157 -22.85 42.10 -0.46
C ILE D 157 -21.81 43.10 -0.93
N THR D 158 -22.11 44.39 -0.84
CA THR D 158 -21.27 45.40 -1.47
C THR D 158 -20.75 46.41 -0.45
N ILE D 159 -19.61 47.00 -0.80
CA ILE D 159 -19.06 48.14 -0.08
C ILE D 159 -19.68 49.38 -0.72
N ALA D 160 -20.79 49.85 -0.15
CA ALA D 160 -21.53 50.98 -0.74
C ALA D 160 -20.74 52.28 -0.59
N ASP D 161 -20.02 52.43 0.49
CA ASP D 161 -19.15 53.58 0.71
C ASP D 161 -18.01 53.17 1.63
N CYS D 162 -16.91 53.91 1.54
CA CYS D 162 -15.76 53.60 2.36
C CYS D 162 -14.89 54.85 2.40
N GLY D 163 -14.10 54.96 3.46
CA GLY D 163 -13.20 56.09 3.57
C GLY D 163 -12.33 55.98 4.81
N GLN D 164 -11.62 57.06 5.10
CA GLN D 164 -10.77 57.14 6.29
C GLN D 164 -11.45 57.94 7.39
N LEU D 165 -11.38 57.44 8.63
CA LEU D 165 -11.96 58.18 9.77
C LEU D 165 -10.92 59.14 10.34
PG GNP E . -7.38 25.49 -9.29
O1G GNP E . -8.86 25.53 -9.22
O2G GNP E . -6.90 24.20 -8.74
O3G GNP E . -6.85 26.58 -8.42
N3B GNP E . -6.88 25.68 -10.84
PB GNP E . -7.47 24.89 -12.14
O1B GNP E . -6.75 23.61 -12.42
O2B GNP E . -8.97 24.88 -12.15
O3A GNP E . -7.10 25.85 -13.37
PA GNP E . -8.01 26.83 -14.23
O1A GNP E . -9.03 26.02 -14.95
O2A GNP E . -8.47 27.93 -13.35
O5' GNP E . -6.96 27.39 -15.28
C5' GNP E . -5.81 28.14 -14.82
C4' GNP E . -5.35 29.03 -15.93
O4' GNP E . -4.97 28.21 -17.07
C3' GNP E . -6.39 30.02 -16.47
O3' GNP E . -5.78 31.27 -16.81
C2' GNP E . -6.93 29.30 -17.71
O2' GNP E . -7.44 30.18 -18.68
C1' GNP E . -5.68 28.59 -18.21
N9 GNP E . -5.96 27.39 -19.00
C8 GNP E . -6.71 26.31 -18.62
N7 GNP E . -6.80 25.39 -19.53
C5 GNP E . -6.09 25.90 -20.61
C6 GNP E . -5.83 25.34 -21.88
O6 GNP E . -6.21 24.26 -22.34
N1 GNP E . -5.04 26.20 -22.65
C2 GNP E . -4.57 27.41 -22.26
N2 GNP E . -3.83 28.09 -23.15
N3 GNP E . -4.80 27.94 -21.06
C4 GNP E . -5.56 27.13 -20.29
MG MG F . -10.24 25.32 -10.58
PG GNP G . 11.47 -24.82 2.61
O1G GNP G . 10.13 -24.92 3.25
O2G GNP G . 11.35 -25.18 1.17
O3G GNP G . 12.36 -25.82 3.25
N3B GNP G . 12.06 -23.32 2.80
PB GNP G . 11.25 -21.92 2.59
O1B GNP G . 11.32 -21.43 1.17
O2B GNP G . 9.91 -21.98 3.23
O3A GNP G . 12.05 -20.84 3.44
PA GNP G . 11.74 -20.10 4.82
O1A GNP G . 10.49 -19.30 4.68
O2A GNP G . 11.80 -21.09 5.94
O5' GNP G . 12.99 -19.11 4.92
C5' GNP G . 14.33 -19.63 4.98
C4' GNP G . 15.23 -18.68 5.74
O4' GNP G . 15.27 -17.40 5.06
C3' GNP G . 14.82 -18.37 7.19
O3' GNP G . 15.95 -18.22 8.02
C2' GNP G . 14.05 -17.07 7.04
O2' GNP G . 14.04 -16.31 8.23
C1' GNP G . 14.85 -16.37 5.94
N9 GNP G . 14.07 -15.41 5.19
C8 GNP G . 12.89 -15.65 4.54
N7 GNP G . 12.39 -14.60 3.95
C5 GNP G . 13.31 -13.60 4.22
C6 GNP G . 13.31 -12.24 3.83
O6 GNP G . 12.47 -11.64 3.14
N1 GNP G . 14.43 -11.57 4.32
C2 GNP G . 15.42 -12.14 5.09
N2 GNP G . 16.41 -11.32 5.46
N3 GNP G . 15.43 -13.41 5.45
C4 GNP G . 14.35 -14.08 4.99
MG MG H . 8.93 -23.56 4.05
C1 A1AOJ I . 13.08 -37.90 7.24
C10 A1AOJ I . 17.31 -30.45 12.13
C11 A1AOJ I . 15.12 -29.69 10.89
C12 A1AOJ I . 14.98 -33.42 6.10
C13 A1AOJ I . 13.80 -32.78 5.45
C14 A1AOJ I . 11.91 -32.56 4.32
C15 A1AOJ I . 12.00 -31.30 4.79
C16 A1AOJ I . 10.82 -33.12 3.49
C17 A1AOJ I . 10.60 -34.49 3.45
C18 A1AOJ I . 9.56 -35.01 2.70
C19 A1AOJ I . 8.70 -34.12 2.01
C2 A1AOJ I . 12.72 -36.43 6.96
C20 A1AOJ I . 8.88 -32.74 2.07
C21 A1AOJ I . 9.95 -32.26 2.80
C22 A1AOJ I . 6.68 -34.32 0.49
C23 A1AOJ I . 7.20 -33.93 -0.86
C24 A1AOJ I . 7.97 -36.22 1.63
C25 A1AOJ I . 7.21 -37.32 1.03
C26 A1AOJ I . 5.84 -37.56 1.31
C27 A1AOJ I . 5.05 -36.70 2.27
C28 A1AOJ I . 3.54 -34.88 2.18
C29 A1AOJ I . 4.35 -37.55 3.31
C3 A1AOJ I . 14.89 -37.12 8.76
C30 A1AOJ I . 5.86 -39.35 -0.14
C31 A1AOJ I . 7.18 -39.16 -0.48
C32 A1AOJ I . 7.85 -38.14 0.12
C33 A1AOJ I . 9.10 -36.34 2.43
C34 A1AOJ I . 9.70 -37.61 2.96
C35 A1AOJ I . 9.19 -38.08 4.33
C36 A1AOJ I . 9.94 -39.36 4.71
C37 A1AOJ I . 7.69 -38.38 4.24
C38 A1AOJ I . 9.41 -37.03 5.42
C39 A1AOJ I . 11.23 -36.31 6.75
C4 A1AOJ I . 14.55 -38.06 7.62
C5 A1AOJ I . 15.33 -34.68 8.24
C6 A1AOJ I . 14.77 -33.40 7.62
C7 A1AOJ I . 14.93 -31.70 9.35
C8 A1AOJ I . 15.79 -30.70 9.98
C9 A1AOJ I . 15.97 -30.75 11.50
N1 A1AOJ I . 13.08 -35.59 8.10
N2 A1AOJ I . 14.47 -35.76 8.37
N3 A1AOJ I . 15.42 -32.26 8.23
N4 A1AOJ I . 12.93 -33.43 4.73
N5 A1AOJ I . 7.75 -34.88 1.35
N6 A1AOJ I . 5.21 -38.57 0.72
O1 A1AOJ I . 16.52 -34.80 8.54
O2 A1AOJ I . 13.84 -32.04 9.80
O3 A1AOJ I . 4.08 -35.99 1.50
O4 A1AOJ I . 10.86 -36.96 5.66
O5 A1AOJ I . 10.50 -35.78 7.52
S1 A1AOJ I . 13.41 -31.12 5.74
C1 A1AOJ J . -8.82 32.45 2.69
C10 A1AOJ J . -6.21 37.11 -5.56
C11 A1AOJ J . -7.66 35.00 -6.14
C12 A1AOJ J . -6.35 31.35 -1.45
C13 A1AOJ J . -7.09 30.14 -1.93
C14 A1AOJ J . -8.29 28.27 -1.85
C15 A1AOJ J . -8.33 28.46 -3.19
C16 A1AOJ J . -8.95 27.21 -1.09
C17 A1AOJ J . -9.21 27.38 0.27
C18 A1AOJ J . -9.85 26.38 0.98
C19 A1AOJ J . -10.24 25.21 0.29
C2 A1AOJ J . -8.95 31.73 1.33
C20 A1AOJ J . -10.00 25.03 -1.07
C21 A1AOJ J . -9.34 26.04 -1.74
C22 A1AOJ J . -11.34 23.02 0.85
C23 A1AOJ J . -10.17 22.07 0.82
C24 A1AOJ J . -10.89 24.96 2.45
C25 A1AOJ J . -11.44 24.28 3.64
C26 A1AOJ J . -12.82 24.00 3.81
C27 A1AOJ J . -13.87 24.34 2.78
C28 A1AOJ J . -14.99 23.15 1.04
C29 A1AOJ J . -15.02 25.05 3.45
C3 A1AOJ J . -7.88 34.41 1.55
C30 A1AOJ J . -12.43 23.05 5.86
C31 A1AOJ J . -11.08 23.28 5.79
C32 A1AOJ J . -10.57 23.90 4.66
C33 A1AOJ J . -10.26 26.23 2.36
C34 A1AOJ J . -10.05 27.23 3.47
C35 A1AOJ J . -11.19 28.27 3.63
C36 A1AOJ J . -10.84 29.22 4.78
C37 A1AOJ J . -12.53 27.61 3.97
C38 A1AOJ J . -11.35 29.11 2.36
C39 A1AOJ J . -10.19 30.87 1.30
C4 A1AOJ J . -7.65 33.43 2.68
C5 A1AOJ J . -7.05 33.65 -0.67
C6 A1AOJ J . -7.16 32.62 -1.80
C7 A1AOJ J . -7.52 33.91 -3.85
C8 A1AOJ J . -6.83 34.64 -4.94
C9 A1AOJ J . -7.24 36.07 -5.20
N1 A1AOJ J . -9.07 32.70 0.24
N2 A1AOJ J . -7.99 33.62 0.33
N3 A1AOJ J . -6.70 33.21 -3.04
N4 A1AOJ J . -7.54 29.21 -1.14
N5 A1AOJ J . -10.87 24.37 1.19
N6 A1AOJ J . -13.29 23.38 4.92
O1 A1AOJ J . -6.12 34.43 -0.62
O2 A1AOJ J . -8.72 34.01 -3.69
O3 A1AOJ J . -14.32 23.07 2.29
O4 A1AOJ J . -10.14 29.91 2.23
O5 A1AOJ J . -11.13 31.05 0.57
S1 A1AOJ J . -7.49 29.90 -3.59
#